data_6YBB
#
_entry.id   6YBB
#
_cell.length_a   61.430
_cell.length_b   169.590
_cell.length_c   177.600
_cell.angle_alpha   90.000
_cell.angle_beta   90.000
_cell.angle_gamma   90.000
#
_symmetry.space_group_name_H-M   'P 21 21 21'
#
loop_
_entity.id
_entity.type
_entity.pdbx_description
1 polymer 'Bacterial cellulose secretion regulator BcsQ, R156E mutant'
2 polymer 'Bacterial cellulose secretion regulator BcsR'
3 polymer 'Bacterial cellulose secretion regulator BcsE, residues 217-523'
4 non-polymer 'MAGNESIUM ION'
5 non-polymer "ADENOSINE-5'-TRIPHOSPHATE"
6 non-polymer "9,9'-[(2R,3R,3aS,5S,7aR,9R,10R,10aS,12S,14aR)-3,5,10,12-tetrahydroxy-5,12-dioxidooctahydro-2H,7H-difuro[3,2-d:3',2'-j][1,3,7,9,2,8]tetraoxadiphosphacyclododecine-2,9-diyl]bis(2-amino-1,9-dihydro-6H-purin-6-one)"
7 non-polymer GLYCEROL
8 water water
#
loop_
_entity_poly.entity_id
_entity_poly.type
_entity_poly.pdbx_seq_one_letter_code
_entity_poly.pdbx_strand_id
1 'polypeptide(L)'
;MAVLGLQGVRGGVGTTTITAALAWSLQMLGENVLVVDACPDNLLRLSFNVDFTHRQGWARAMLDGQDWRDAGLRYTSQLD
LLPFGQLSIEEQENPQHWQTRLSDICSGLQQLKASGRYQWILIDLPRDASQITHQLLSLCDHSLAIVNVDANCHIELHQQ
ALPDGAHILINNFRIGSQVQDDIYQLWLQSQRRLLPMLIHRDEAMAECLAAKQPVGEYRSDALAAEEILTLANWCLLNYS
GLKTPVGSKS
;
A,B
2 'polypeptide(L)' GPMGSMNNNEPDTLPDPAIGYIFQNDIVALKQAFSLPDIDYADISQREQLAAALKRWPLLAEFAQQK C,D
3 'polypeptide(L)'
;MGSAEIQPRSDEKRILSNVAVLEGAPPLSEHWQLFNNNEVLFNEARTAQAATVVFSLQQNAQIEPLARSIHTLRRQRGSA
MKILVRENTASLRATDERLLLACGANMVIPWNAPLSRCLTMIESVQGQKFSRYVPEDITTLLSMTQPLKLRGFQKWDVFC
NAVNNMMNNPLLPAHGKGVLVALRPVPGIRVEQALTLCRPNRTGDIMTIGGNRLVLFLSFCRINDLDTALNHIFPLPTGD
IFSNRMVWFEDDQISAELVQMRLLAPEQWGMPLPLTQSSKPVINAEHDGRHWRRIPEPMRLLDDAVERSS
;
E,F
#
# COMPACT_ATOMS: atom_id res chain seq x y z
N ALA A 2 -36.48 2.20 -9.49
CA ALA A 2 -35.21 2.67 -10.02
C ALA A 2 -34.18 1.55 -10.11
N VAL A 3 -33.92 1.07 -11.31
CA VAL A 3 -32.97 -0.01 -11.54
C VAL A 3 -31.62 0.60 -11.89
N LEU A 4 -30.62 0.30 -11.08
CA LEU A 4 -29.28 0.83 -11.23
C LEU A 4 -28.32 -0.27 -11.68
N GLY A 5 -27.57 0.00 -12.74
CA GLY A 5 -26.59 -0.94 -13.25
C GLY A 5 -25.18 -0.48 -12.88
N LEU A 6 -24.44 -1.38 -12.24
CA LEU A 6 -23.05 -1.16 -11.92
C LEU A 6 -22.19 -2.11 -12.74
N GLN A 7 -21.22 -1.56 -13.45
CA GLN A 7 -20.36 -2.35 -14.32
C GLN A 7 -18.94 -1.82 -14.25
N GLY A 8 -17.97 -2.73 -14.37
CA GLY A 8 -16.58 -2.36 -14.36
C GLY A 8 -16.09 -1.94 -15.73
N VAL A 9 -15.25 -0.90 -15.75
CA VAL A 9 -14.50 -0.55 -16.95
C VAL A 9 -13.53 -1.67 -17.28
N ARG A 10 -13.03 -2.35 -16.26
CA ARG A 10 -12.07 -3.44 -16.42
C ARG A 10 -12.37 -4.47 -15.34
N GLY A 11 -11.97 -5.71 -15.59
CA GLY A 11 -12.21 -6.76 -14.62
C GLY A 11 -11.41 -6.56 -13.35
N GLY A 12 -12.01 -6.97 -12.24
CA GLY A 12 -11.30 -6.95 -10.97
C GLY A 12 -11.16 -5.60 -10.29
N VAL A 13 -11.93 -4.60 -10.71
CA VAL A 13 -11.80 -3.27 -10.08
C VAL A 13 -12.61 -3.14 -8.81
N GLY A 14 -13.53 -4.06 -8.55
CA GLY A 14 -14.26 -4.06 -7.29
C GLY A 14 -15.76 -3.90 -7.42
N THR A 15 -16.33 -4.30 -8.57
CA THR A 15 -17.75 -4.08 -8.81
C THR A 15 -18.61 -4.93 -7.88
N THR A 16 -18.26 -6.21 -7.72
CA THR A 16 -19.09 -7.11 -6.91
C THR A 16 -19.13 -6.66 -5.45
N THR A 17 -17.97 -6.28 -4.90
CA THR A 17 -17.95 -5.83 -3.51
C THR A 17 -18.67 -4.49 -3.35
N ILE A 18 -18.65 -3.65 -4.38
CA ILE A 18 -19.29 -2.34 -4.27
C ILE A 18 -20.80 -2.46 -4.38
N THR A 19 -21.30 -3.33 -5.27
CA THR A 19 -22.75 -3.50 -5.37
C THR A 19 -23.33 -4.10 -4.09
N ALA A 20 -22.64 -5.10 -3.53
CA ALA A 20 -23.11 -5.67 -2.26
C ALA A 20 -23.13 -4.61 -1.17
N ALA A 21 -22.10 -3.78 -1.11
CA ALA A 21 -22.05 -2.73 -0.09
C ALA A 21 -23.10 -1.67 -0.36
N LEU A 22 -23.29 -1.28 -1.63
CA LEU A 22 -24.29 -0.28 -1.96
C LEU A 22 -25.69 -0.80 -1.66
N ALA A 23 -25.91 -2.10 -1.86
CA ALA A 23 -27.20 -2.68 -1.51
C ALA A 23 -27.45 -2.61 -0.02
N TRP A 24 -26.47 -3.03 0.79
CA TRP A 24 -26.59 -2.92 2.23
C TRP A 24 -26.81 -1.48 2.66
N SER A 25 -26.08 -0.53 2.05
CA SER A 25 -26.23 0.86 2.43
C SER A 25 -27.59 1.41 2.04
N LEU A 26 -28.15 0.95 0.92
CA LEU A 26 -29.45 1.44 0.50
C LEU A 26 -30.58 0.88 1.36
N GLN A 27 -30.47 -0.40 1.74
CA GLN A 27 -31.49 -0.96 2.63
C GLN A 27 -31.34 -0.40 4.05
N MET A 28 -30.12 -0.03 4.43
CA MET A 28 -29.92 0.62 5.73
C MET A 28 -30.58 1.98 5.78
N LEU A 29 -30.56 2.70 4.66
CA LEU A 29 -31.29 3.97 4.56
C LEU A 29 -32.80 3.79 4.53
N GLY A 30 -33.29 2.55 4.56
CA GLY A 30 -34.72 2.30 4.63
C GLY A 30 -35.40 2.11 3.29
N GLU A 31 -34.65 1.79 2.25
CA GLU A 31 -35.21 1.52 0.93
C GLU A 31 -35.34 0.02 0.70
N ASN A 32 -36.37 -0.36 -0.03
CA ASN A 32 -36.52 -1.76 -0.45
C ASN A 32 -35.64 -2.01 -1.67
N VAL A 33 -34.69 -2.93 -1.54
CA VAL A 33 -33.73 -3.17 -2.60
C VAL A 33 -33.78 -4.64 -3.02
N LEU A 34 -33.52 -4.87 -4.30
CA LEU A 34 -33.26 -6.19 -4.85
C LEU A 34 -31.93 -6.14 -5.59
N VAL A 35 -31.11 -7.17 -5.41
CA VAL A 35 -29.81 -7.26 -6.07
C VAL A 35 -29.78 -8.54 -6.90
N VAL A 36 -29.45 -8.39 -8.18
CA VAL A 36 -29.31 -9.53 -9.08
C VAL A 36 -27.85 -9.64 -9.50
N ASP A 37 -27.42 -10.88 -9.72
CA ASP A 37 -26.05 -11.20 -10.11
C ASP A 37 -26.07 -11.63 -11.56
N ALA A 38 -25.59 -10.76 -12.45
CA ALA A 38 -25.54 -11.03 -13.88
C ALA A 38 -24.19 -11.56 -14.33
N CYS A 39 -23.27 -11.82 -13.41
CA CYS A 39 -21.96 -12.35 -13.77
C CYS A 39 -21.97 -13.87 -13.69
N PRO A 40 -21.46 -14.57 -14.70
CA PRO A 40 -21.36 -16.04 -14.59
C PRO A 40 -20.46 -16.50 -13.46
N ASP A 41 -19.58 -15.63 -12.96
CA ASP A 41 -18.73 -16.00 -11.82
C ASP A 41 -19.55 -16.30 -10.58
N ASN A 42 -20.73 -15.67 -10.45
CA ASN A 42 -21.66 -15.92 -9.35
C ASN A 42 -21.00 -15.63 -8.00
N LEU A 43 -20.30 -14.50 -7.92
CA LEU A 43 -19.57 -14.13 -6.71
C LEU A 43 -20.37 -13.27 -5.76
N LEU A 44 -21.43 -12.61 -6.25
CA LEU A 44 -22.19 -11.70 -5.40
C LEU A 44 -22.88 -12.43 -4.26
N ARG A 45 -23.31 -13.68 -4.51
CA ARG A 45 -23.99 -14.45 -3.46
C ARG A 45 -23.06 -14.70 -2.27
N LEU A 46 -21.75 -14.76 -2.49
CA LEU A 46 -20.83 -15.08 -1.41
C LEU A 46 -20.67 -13.93 -0.42
N SER A 47 -21.03 -12.70 -0.81
CA SER A 47 -21.02 -11.58 0.14
C SER A 47 -22.20 -11.60 1.09
N PHE A 48 -23.12 -12.56 0.93
CA PHE A 48 -24.33 -12.65 1.74
C PHE A 48 -24.43 -14.04 2.37
N ASN A 49 -23.28 -14.62 2.72
CA ASN A 49 -23.21 -15.87 3.49
C ASN A 49 -24.00 -17.00 2.82
N VAL A 50 -23.95 -17.04 1.49
CA VAL A 50 -24.54 -18.15 0.75
C VAL A 50 -23.49 -19.25 0.61
N ASP A 51 -23.89 -20.48 0.95
CA ASP A 51 -22.97 -21.61 0.87
C ASP A 51 -22.48 -21.79 -0.56
N PHE A 52 -21.18 -22.01 -0.72
CA PHE A 52 -20.60 -22.14 -2.05
C PHE A 52 -21.20 -23.34 -2.79
N THR A 53 -21.61 -24.38 -2.06
CA THR A 53 -22.22 -25.55 -2.66
C THR A 53 -23.66 -25.30 -3.11
N HIS A 54 -24.27 -24.20 -2.68
CA HIS A 54 -25.62 -23.82 -3.11
C HIS A 54 -25.56 -23.34 -4.56
N ARG A 55 -26.03 -24.17 -5.49
CA ARG A 55 -25.89 -23.90 -6.91
C ARG A 55 -27.09 -23.19 -7.52
N GLN A 56 -28.14 -22.96 -6.75
CA GLN A 56 -29.34 -22.34 -7.28
C GLN A 56 -29.08 -20.90 -7.72
N GLY A 57 -29.85 -20.45 -8.70
CA GLY A 57 -29.72 -19.10 -9.20
C GLY A 57 -30.73 -18.87 -10.31
N TRP A 58 -30.85 -17.60 -10.72
CA TRP A 58 -31.83 -17.27 -11.74
C TRP A 58 -31.42 -17.80 -13.11
N ALA A 59 -30.13 -17.66 -13.45
CA ALA A 59 -29.68 -18.17 -14.74
C ALA A 59 -29.64 -19.69 -14.75
N ARG A 60 -29.34 -20.31 -13.59
CA ARG A 60 -29.35 -21.75 -13.52
C ARG A 60 -30.77 -22.30 -13.56
N ALA A 61 -31.73 -21.57 -12.98
CA ALA A 61 -33.12 -22.02 -13.02
C ALA A 61 -33.67 -22.00 -14.44
N MET A 62 -33.37 -20.95 -15.20
CA MET A 62 -33.87 -20.84 -16.57
C MET A 62 -33.27 -21.90 -17.47
N LEU A 63 -31.94 -22.07 -17.40
CA LEU A 63 -31.27 -23.05 -18.25
C LEU A 63 -31.60 -24.48 -17.86
N ASP A 64 -32.18 -24.70 -16.68
CA ASP A 64 -32.65 -26.03 -16.28
C ASP A 64 -34.14 -26.19 -16.48
N GLY A 65 -34.82 -25.19 -17.05
CA GLY A 65 -36.25 -25.27 -17.28
C GLY A 65 -37.11 -24.82 -16.12
N GLN A 66 -36.52 -24.57 -14.95
CA GLN A 66 -37.29 -24.19 -13.77
C GLN A 66 -37.57 -22.69 -13.78
N ASP A 67 -38.40 -22.27 -12.82
CA ASP A 67 -38.80 -20.87 -12.73
C ASP A 67 -37.70 -20.04 -12.07
N TRP A 68 -37.49 -18.83 -12.60
CA TRP A 68 -36.45 -17.97 -12.06
C TRP A 68 -36.90 -17.27 -10.78
N ARG A 69 -38.21 -17.06 -10.62
CA ARG A 69 -38.72 -16.41 -9.43
C ARG A 69 -38.54 -17.26 -8.18
N ASP A 70 -38.36 -18.58 -8.33
CA ASP A 70 -38.21 -19.47 -7.20
C ASP A 70 -36.78 -19.56 -6.68
N ALA A 71 -35.86 -18.80 -7.25
CA ALA A 71 -34.45 -18.85 -6.87
C ALA A 71 -34.03 -17.70 -5.98
N GLY A 72 -34.99 -16.95 -5.43
CA GLY A 72 -34.66 -15.80 -4.62
C GLY A 72 -34.28 -16.18 -3.19
N LEU A 73 -33.50 -15.29 -2.57
CA LEU A 73 -33.11 -15.44 -1.18
C LEU A 73 -33.24 -14.09 -0.49
N ARG A 74 -33.80 -14.10 0.72
CA ARG A 74 -34.01 -12.90 1.51
C ARG A 74 -32.88 -12.76 2.53
N TYR A 75 -32.27 -11.58 2.57
CA TYR A 75 -31.24 -11.27 3.54
C TYR A 75 -31.79 -10.50 4.74
N THR A 76 -32.49 -9.40 4.50
CA THR A 76 -33.18 -8.64 5.54
C THR A 76 -34.61 -8.38 5.07
N SER A 77 -35.41 -7.78 5.94
CA SER A 77 -36.76 -7.38 5.58
C SER A 77 -36.80 -6.48 4.36
N GLN A 78 -35.69 -5.82 4.02
CA GLN A 78 -35.66 -4.89 2.90
C GLN A 78 -34.60 -5.20 1.84
N LEU A 79 -33.84 -6.29 1.98
CA LEU A 79 -32.83 -6.65 1.01
C LEU A 79 -33.12 -8.04 0.48
N ASP A 80 -33.36 -8.15 -0.83
CA ASP A 80 -33.57 -9.41 -1.51
C ASP A 80 -32.42 -9.68 -2.47
N LEU A 81 -32.03 -10.95 -2.58
CA LEU A 81 -30.87 -11.35 -3.35
C LEU A 81 -31.24 -12.39 -4.39
N LEU A 82 -30.68 -12.26 -5.60
CA LEU A 82 -30.97 -13.17 -6.71
C LEU A 82 -29.65 -13.63 -7.33
N PRO A 83 -29.13 -14.78 -6.91
CA PRO A 83 -27.83 -15.24 -7.42
C PRO A 83 -27.92 -15.67 -8.88
N PHE A 84 -26.75 -15.73 -9.52
CA PHE A 84 -26.67 -16.15 -10.91
C PHE A 84 -26.86 -17.66 -11.02
N GLY A 85 -26.12 -18.43 -10.24
CA GLY A 85 -26.16 -19.87 -10.32
C GLY A 85 -24.81 -20.46 -10.71
N GLN A 86 -24.51 -21.66 -10.20
CA GLN A 86 -23.23 -22.29 -10.50
C GLN A 86 -23.31 -23.00 -11.83
N LEU A 87 -22.46 -22.61 -12.78
CA LEU A 87 -22.45 -23.20 -14.10
C LEU A 87 -21.67 -24.51 -14.10
N SER A 88 -21.97 -25.35 -15.09
CA SER A 88 -21.21 -26.57 -15.30
C SER A 88 -19.88 -26.25 -15.97
N ILE A 89 -18.95 -27.21 -15.90
CA ILE A 89 -17.66 -27.03 -16.53
C ILE A 89 -17.82 -26.92 -18.05
N GLU A 90 -18.79 -27.64 -18.60
CA GLU A 90 -19.08 -27.52 -20.03
C GLU A 90 -19.64 -26.14 -20.36
N GLU A 91 -20.49 -25.59 -19.48
CA GLU A 91 -21.08 -24.29 -19.74
C GLU A 91 -20.06 -23.16 -19.56
N GLN A 92 -19.08 -23.34 -18.68
CA GLN A 92 -18.02 -22.35 -18.56
C GLN A 92 -17.15 -22.32 -19.82
N GLU A 93 -16.79 -23.51 -20.33
CA GLU A 93 -15.94 -23.62 -21.52
C GLU A 93 -16.70 -23.39 -22.82
N ASN A 94 -18.03 -23.46 -22.81
CA ASN A 94 -18.84 -23.24 -24.01
C ASN A 94 -19.91 -22.19 -23.71
N PRO A 95 -19.50 -20.92 -23.59
CA PRO A 95 -20.49 -19.88 -23.25
C PRO A 95 -21.50 -19.63 -24.35
N GLN A 96 -21.19 -20.01 -25.59
CA GLN A 96 -22.08 -19.67 -26.70
C GLN A 96 -23.36 -20.48 -26.69
N HIS A 97 -23.32 -21.71 -26.18
CA HIS A 97 -24.50 -22.57 -26.20
C HIS A 97 -25.62 -22.01 -25.33
N TRP A 98 -25.28 -21.47 -24.17
CA TRP A 98 -26.26 -20.93 -23.24
C TRP A 98 -26.34 -19.41 -23.24
N GLN A 99 -25.54 -18.74 -24.07
CA GLN A 99 -25.41 -17.29 -23.99
C GLN A 99 -26.72 -16.58 -24.31
N THR A 100 -27.50 -17.10 -25.25
CA THR A 100 -28.68 -16.41 -25.76
C THR A 100 -29.99 -17.12 -25.43
N ARG A 101 -29.96 -18.11 -24.54
CA ARG A 101 -31.16 -18.81 -24.14
C ARG A 101 -31.92 -18.11 -23.01
N LEU A 102 -31.43 -16.96 -22.54
CA LEU A 102 -31.89 -16.36 -21.29
C LEU A 102 -32.25 -14.89 -21.47
N SER A 103 -33.11 -14.59 -22.43
CA SER A 103 -33.68 -13.24 -22.53
C SER A 103 -34.98 -13.11 -21.76
N ASP A 104 -35.45 -14.19 -21.11
CA ASP A 104 -36.68 -14.10 -20.32
C ASP A 104 -36.49 -13.25 -19.08
N ILE A 105 -35.26 -13.16 -18.56
CA ILE A 105 -35.05 -12.39 -17.34
C ILE A 105 -35.22 -10.91 -17.60
N CYS A 106 -34.94 -10.47 -18.83
CA CYS A 106 -35.15 -9.06 -19.17
C CYS A 106 -36.62 -8.72 -19.18
N SER A 107 -37.46 -9.64 -19.67
CA SER A 107 -38.90 -9.44 -19.57
C SER A 107 -39.38 -9.55 -18.13
N GLY A 108 -38.76 -10.46 -17.36
CA GLY A 108 -39.15 -10.62 -15.97
C GLY A 108 -38.77 -9.44 -15.10
N LEU A 109 -37.66 -8.76 -15.42
CA LEU A 109 -37.29 -7.56 -14.69
C LEU A 109 -38.23 -6.41 -15.00
N GLN A 110 -38.76 -6.35 -16.23
CA GLN A 110 -39.77 -5.34 -16.55
C GLN A 110 -41.01 -5.51 -15.68
N GLN A 111 -41.37 -6.75 -15.33
CA GLN A 111 -42.46 -6.97 -14.39
C GLN A 111 -42.13 -6.38 -13.02
N LEU A 112 -40.96 -6.73 -12.48
CA LEU A 112 -40.55 -6.24 -11.17
C LEU A 112 -40.45 -4.72 -11.14
N LYS A 113 -39.85 -4.13 -12.18
CA LYS A 113 -39.76 -2.67 -12.25
C LYS A 113 -41.14 -2.03 -12.20
N ALA A 114 -42.16 -2.71 -12.72
CA ALA A 114 -43.54 -2.24 -12.63
C ALA A 114 -44.25 -2.73 -11.37
N SER A 115 -43.67 -3.70 -10.66
CA SER A 115 -44.33 -4.25 -9.47
C SER A 115 -44.35 -3.26 -8.31
N GLY A 116 -43.40 -2.33 -8.27
CA GLY A 116 -43.30 -1.39 -7.19
C GLY A 116 -42.83 -1.95 -5.88
N ARG A 117 -42.52 -3.25 -5.81
CA ARG A 117 -42.09 -3.87 -4.55
C ARG A 117 -40.74 -3.32 -4.10
N TYR A 118 -39.86 -2.97 -5.03
CA TYR A 118 -38.52 -2.49 -4.70
C TYR A 118 -38.33 -1.08 -5.24
N GLN A 119 -37.74 -0.20 -4.41
CA GLN A 119 -37.36 1.12 -4.89
C GLN A 119 -36.03 1.11 -5.64
N TRP A 120 -35.21 0.09 -5.43
CA TRP A 120 -33.93 -0.03 -6.11
C TRP A 120 -33.69 -1.48 -6.48
N ILE A 121 -33.22 -1.69 -7.71
CA ILE A 121 -32.81 -3.02 -8.19
C ILE A 121 -31.41 -2.85 -8.78
N LEU A 122 -30.39 -3.27 -8.03
CA LEU A 122 -29.01 -3.19 -8.47
C LEU A 122 -28.64 -4.42 -9.28
N ILE A 123 -27.87 -4.22 -10.35
CA ILE A 123 -27.47 -5.30 -11.25
C ILE A 123 -25.95 -5.34 -11.30
N ASP A 124 -25.38 -6.48 -10.88
CA ASP A 124 -23.94 -6.72 -10.94
C ASP A 124 -23.59 -7.16 -12.35
N LEU A 125 -23.04 -6.22 -13.16
CA LEU A 125 -22.82 -6.47 -14.59
C LEU A 125 -21.38 -6.86 -14.87
N PRO A 126 -21.14 -7.88 -15.69
CA PRO A 126 -19.78 -8.31 -15.99
C PRO A 126 -19.16 -7.47 -17.10
N ARG A 127 -17.82 -7.50 -17.13
CA ARG A 127 -17.07 -6.75 -18.13
C ARG A 127 -16.95 -7.60 -19.39
N ASP A 128 -17.99 -7.53 -20.22
CA ASP A 128 -18.00 -8.18 -21.52
C ASP A 128 -19.08 -7.54 -22.37
N ALA A 129 -19.13 -7.93 -23.64
CA ALA A 129 -20.13 -7.43 -24.57
C ALA A 129 -21.17 -8.48 -24.93
N SER A 130 -21.45 -9.39 -23.99
CA SER A 130 -22.44 -10.43 -24.23
C SER A 130 -23.82 -9.83 -24.45
N GLN A 131 -24.71 -10.61 -25.06
CA GLN A 131 -26.03 -10.11 -25.41
C GLN A 131 -26.88 -9.85 -24.17
N ILE A 132 -26.90 -10.80 -23.23
CA ILE A 132 -27.68 -10.61 -22.01
C ILE A 132 -27.22 -9.37 -21.26
N THR A 133 -25.92 -9.09 -21.30
CA THR A 133 -25.39 -7.92 -20.61
C THR A 133 -25.89 -6.62 -21.24
N HIS A 134 -25.97 -6.60 -22.58
CA HIS A 134 -26.51 -5.41 -23.25
C HIS A 134 -28.02 -5.31 -23.06
N GLN A 135 -28.71 -6.45 -23.01
CA GLN A 135 -30.14 -6.44 -22.76
C GLN A 135 -30.45 -5.92 -21.37
N LEU A 136 -29.72 -6.41 -20.37
CA LEU A 136 -29.92 -5.94 -18.99
C LEU A 136 -29.54 -4.48 -18.86
N LEU A 137 -28.48 -4.05 -19.55
CA LEU A 137 -28.05 -2.66 -19.45
C LEU A 137 -29.09 -1.69 -20.01
N SER A 138 -29.86 -2.13 -21.02
CA SER A 138 -30.90 -1.27 -21.58
C SER A 138 -32.09 -1.10 -20.63
N LEU A 139 -32.25 -1.99 -19.65
CA LEU A 139 -33.32 -1.86 -18.68
C LEU A 139 -32.98 -0.87 -17.58
N CYS A 140 -31.70 -0.79 -17.20
CA CYS A 140 -31.29 0.11 -16.13
C CYS A 140 -31.63 1.55 -16.47
N ASP A 141 -32.14 2.29 -15.49
CA ASP A 141 -32.42 3.70 -15.68
C ASP A 141 -31.16 4.55 -15.58
N HIS A 142 -30.19 4.11 -14.77
CA HIS A 142 -28.92 4.80 -14.62
C HIS A 142 -27.81 3.77 -14.52
N SER A 143 -26.57 4.22 -14.68
CA SER A 143 -25.44 3.32 -14.77
C SER A 143 -24.22 3.90 -14.07
N LEU A 144 -23.47 3.04 -13.40
CA LEU A 144 -22.19 3.41 -12.79
C LEU A 144 -21.08 2.59 -13.44
N ALA A 145 -19.92 3.23 -13.63
CA ALA A 145 -18.75 2.58 -14.20
C ALA A 145 -17.64 2.61 -13.15
N ILE A 146 -17.16 1.43 -12.76
CA ILE A 146 -16.18 1.29 -11.69
C ILE A 146 -14.78 1.23 -12.31
N VAL A 147 -13.89 2.09 -11.81
CA VAL A 147 -12.51 2.14 -12.28
C VAL A 147 -11.57 2.10 -11.08
N ASN A 148 -10.30 1.86 -11.37
CA ASN A 148 -9.20 2.08 -10.45
C ASN A 148 -8.27 3.12 -11.07
N VAL A 149 -7.67 3.96 -10.23
CA VAL A 149 -6.76 4.98 -10.75
C VAL A 149 -5.46 4.31 -11.15
N ASP A 150 -5.39 3.87 -12.41
CA ASP A 150 -4.17 3.28 -12.94
C ASP A 150 -4.11 3.60 -14.44
N ALA A 151 -3.02 3.17 -15.07
CA ALA A 151 -2.87 3.40 -16.50
C ALA A 151 -3.79 2.51 -17.33
N ASN A 152 -4.09 1.31 -16.83
CA ASN A 152 -5.03 0.42 -17.53
C ASN A 152 -6.39 1.09 -17.70
N CYS A 153 -6.93 1.67 -16.62
CA CYS A 153 -8.23 2.31 -16.72
C CYS A 153 -8.15 3.61 -17.52
N HIS A 154 -7.04 4.35 -17.39
CA HIS A 154 -6.87 5.58 -18.16
C HIS A 154 -6.97 5.29 -19.65
N ILE A 155 -6.30 4.24 -20.12
CA ILE A 155 -6.38 3.86 -21.52
C ILE A 155 -7.79 3.40 -21.88
N GLU A 156 -8.40 2.57 -21.03
CA GLU A 156 -9.74 2.08 -21.32
C GLU A 156 -10.75 3.21 -21.37
N LEU A 157 -10.53 4.27 -20.59
CA LEU A 157 -11.45 5.41 -20.63
C LEU A 157 -11.33 6.21 -21.92
N HIS A 158 -10.25 6.03 -22.67
CA HIS A 158 -10.05 6.75 -23.91
C HIS A 158 -10.38 5.92 -25.14
N GLN A 159 -10.55 4.61 -25.01
CA GLN A 159 -10.82 3.74 -26.16
C GLN A 159 -12.06 2.88 -26.02
N GLN A 160 -12.66 2.80 -24.83
CA GLN A 160 -13.83 1.97 -24.59
C GLN A 160 -15.02 2.86 -24.29
N ALA A 161 -16.11 2.65 -25.03
CA ALA A 161 -17.33 3.42 -24.82
C ALA A 161 -18.17 2.79 -23.71
N LEU A 162 -18.83 3.64 -22.94
CA LEU A 162 -19.69 3.25 -21.84
C LEU A 162 -21.05 3.89 -22.03
N PRO A 163 -22.09 3.40 -21.32
CA PRO A 163 -23.44 3.91 -21.54
C PRO A 163 -23.52 5.42 -21.39
N ASP A 164 -24.44 6.02 -22.15
CA ASP A 164 -24.67 7.46 -22.04
C ASP A 164 -25.25 7.80 -20.67
N GLY A 165 -24.77 8.91 -20.11
CA GLY A 165 -25.20 9.35 -18.80
C GLY A 165 -24.57 8.62 -17.64
N ALA A 166 -23.84 7.54 -17.89
CA ALA A 166 -23.20 6.79 -16.82
C ALA A 166 -22.10 7.63 -16.16
N HIS A 167 -21.95 7.45 -14.85
CA HIS A 167 -20.95 8.15 -14.06
C HIS A 167 -19.82 7.21 -13.69
N ILE A 168 -18.68 7.80 -13.34
CA ILE A 168 -17.46 7.07 -13.04
C ILE A 168 -17.25 7.07 -11.53
N LEU A 169 -17.07 5.89 -10.94
CA LEU A 169 -16.82 5.73 -9.52
C LEU A 169 -15.43 5.17 -9.31
N ILE A 170 -14.57 5.93 -8.65
CA ILE A 170 -13.22 5.49 -8.35
C ILE A 170 -13.25 4.56 -7.15
N ASN A 171 -12.58 3.42 -7.26
CA ASN A 171 -12.44 2.47 -6.17
C ASN A 171 -10.98 2.10 -6.03
N ASN A 172 -10.62 1.61 -4.85
CA ASN A 172 -9.26 1.18 -4.54
C ASN A 172 -8.27 2.34 -4.68
N PHE A 173 -8.71 3.53 -4.28
CA PHE A 173 -7.85 4.70 -4.28
C PHE A 173 -6.81 4.55 -3.17
N ARG A 174 -5.54 4.54 -3.55
CA ARG A 174 -4.47 4.32 -2.59
C ARG A 174 -3.92 5.67 -2.11
N ILE A 175 -2.93 5.63 -1.23
CA ILE A 175 -2.29 6.82 -0.71
C ILE A 175 -0.77 6.66 -0.85
N GLY A 176 -0.12 7.68 -1.40
CA GLY A 176 1.32 7.72 -1.53
C GLY A 176 1.84 7.53 -2.94
N SER A 177 1.04 6.93 -3.83
CA SER A 177 1.51 6.62 -5.17
C SER A 177 1.60 7.89 -6.01
N GLN A 178 2.80 8.18 -6.54
CA GLN A 178 2.99 9.39 -7.31
C GLN A 178 2.28 9.33 -8.66
N VAL A 179 2.37 8.19 -9.36
CA VAL A 179 1.71 8.08 -10.66
C VAL A 179 0.20 8.14 -10.51
N GLN A 180 -0.33 7.64 -9.39
CA GLN A 180 -1.77 7.77 -9.14
C GLN A 180 -2.14 9.23 -8.91
N ASP A 181 -1.30 9.97 -8.18
CA ASP A 181 -1.55 11.39 -7.95
C ASP A 181 -1.60 12.16 -9.27
N ASP A 182 -0.72 11.80 -10.22
CA ASP A 182 -0.70 12.50 -11.50
C ASP A 182 -1.91 12.15 -12.34
N ILE A 183 -2.30 10.88 -12.38
CA ILE A 183 -3.49 10.50 -13.12
C ILE A 183 -4.74 11.12 -12.49
N TYR A 184 -4.83 11.07 -11.16
CA TYR A 184 -6.01 11.59 -10.46
C TYR A 184 -6.14 13.09 -10.63
N GLN A 185 -5.05 13.83 -10.38
CA GLN A 185 -5.07 15.28 -10.57
C GLN A 185 -5.46 15.64 -12.00
N LEU A 186 -5.00 14.86 -12.98
CA LEU A 186 -5.41 15.09 -14.35
C LEU A 186 -6.87 14.75 -14.57
N TRP A 187 -7.35 13.69 -13.91
CA TRP A 187 -8.76 13.32 -14.05
C TRP A 187 -9.67 14.40 -13.49
N LEU A 188 -9.28 15.01 -12.37
CA LEU A 188 -10.15 15.99 -11.72
C LEU A 188 -10.42 17.19 -12.61
N GLN A 189 -9.53 17.45 -13.56
CA GLN A 189 -9.68 18.55 -14.49
C GLN A 189 -10.08 18.12 -15.89
N SER A 190 -9.90 16.84 -16.23
CA SER A 190 -10.25 16.33 -17.54
C SER A 190 -11.50 15.46 -17.54
N GLN A 191 -11.64 14.57 -16.57
CA GLN A 191 -12.81 13.70 -16.50
C GLN A 191 -14.02 14.50 -16.02
N ARG A 192 -15.01 14.67 -16.88
CA ARG A 192 -16.22 15.39 -16.52
C ARG A 192 -17.31 14.49 -15.97
N ARG A 193 -17.29 13.19 -16.27
CA ARG A 193 -18.27 12.24 -15.77
C ARG A 193 -17.92 11.69 -14.40
N LEU A 194 -16.90 12.25 -13.75
CA LEU A 194 -16.44 11.72 -12.47
C LEU A 194 -17.42 12.05 -11.36
N LEU A 195 -17.54 11.13 -10.39
CA LEU A 195 -18.41 11.31 -9.23
C LEU A 195 -17.73 12.17 -8.17
N PRO A 196 -18.50 12.86 -7.33
CA PRO A 196 -17.91 13.71 -6.28
C PRO A 196 -17.36 12.95 -5.09
N MET A 197 -17.46 11.61 -5.05
CA MET A 197 -16.88 10.84 -3.96
C MET A 197 -16.19 9.60 -4.54
N LEU A 198 -15.20 9.10 -3.81
CA LEU A 198 -14.48 7.92 -4.19
C LEU A 198 -14.41 6.94 -3.02
N ILE A 199 -13.86 5.77 -3.29
CA ILE A 199 -13.75 4.70 -2.30
C ILE A 199 -12.28 4.38 -2.14
N HIS A 200 -11.73 4.66 -0.97
CA HIS A 200 -10.33 4.37 -0.70
C HIS A 200 -10.10 2.87 -0.60
N ARG A 201 -8.83 2.48 -0.73
CA ARG A 201 -8.45 1.12 -0.40
C ARG A 201 -8.60 0.93 1.11
N ASP A 202 -9.38 -0.06 1.50
CA ASP A 202 -9.65 -0.32 2.91
C ASP A 202 -9.50 -1.81 3.16
N GLU A 203 -8.75 -2.18 4.19
CA GLU A 203 -8.63 -3.59 4.54
C GLU A 203 -10.01 -4.21 4.79
N ALA A 204 -10.99 -3.41 5.18
CA ALA A 204 -12.33 -3.93 5.38
C ALA A 204 -12.92 -4.47 4.08
N MET A 205 -12.57 -3.86 2.94
CA MET A 205 -13.07 -4.34 1.67
C MET A 205 -12.45 -5.67 1.28
N ALA A 206 -11.20 -5.91 1.69
CA ALA A 206 -10.56 -7.19 1.43
C ALA A 206 -11.04 -8.27 2.39
N GLU A 207 -11.41 -7.89 3.62
CA GLU A 207 -11.84 -8.85 4.64
C GLU A 207 -13.31 -9.21 4.55
N CYS A 208 -14.16 -8.30 4.06
CA CYS A 208 -15.60 -8.54 4.10
C CYS A 208 -16.00 -9.70 3.21
N LEU A 209 -15.37 -9.82 2.04
CA LEU A 209 -15.63 -10.98 1.18
C LEU A 209 -15.16 -12.26 1.85
N ALA A 210 -14.02 -12.21 2.56
CA ALA A 210 -13.55 -13.36 3.30
C ALA A 210 -14.49 -13.69 4.47
N ALA A 211 -15.22 -12.69 4.97
CA ALA A 211 -16.18 -12.90 6.04
C ALA A 211 -17.60 -13.10 5.53
N LYS A 212 -17.81 -13.04 4.21
CA LYS A 212 -19.12 -13.29 3.60
C LYS A 212 -20.19 -12.34 4.15
N GLN A 213 -19.86 -11.05 4.16
CA GLN A 213 -20.74 -9.99 4.61
C GLN A 213 -20.49 -8.75 3.77
N PRO A 214 -21.49 -7.91 3.55
CA PRO A 214 -21.23 -6.61 2.92
C PRO A 214 -20.37 -5.75 3.83
N VAL A 215 -19.62 -4.84 3.22
CA VAL A 215 -18.66 -4.07 4.00
C VAL A 215 -19.34 -3.13 4.98
N GLY A 216 -20.59 -2.73 4.71
CA GLY A 216 -21.31 -1.90 5.67
C GLY A 216 -21.76 -2.66 6.89
N GLU A 217 -21.97 -3.98 6.75
CA GLU A 217 -22.33 -4.83 7.87
C GLU A 217 -21.11 -5.37 8.58
N TYR A 218 -20.04 -5.67 7.84
CA TYR A 218 -18.85 -6.27 8.45
C TYR A 218 -18.13 -5.27 9.34
N ARG A 219 -17.99 -4.03 8.88
CA ARG A 219 -17.34 -2.99 9.68
C ARG A 219 -17.97 -1.66 9.27
N SER A 220 -19.06 -1.30 9.97
CA SER A 220 -19.87 -0.15 9.56
C SER A 220 -19.10 1.15 9.64
N ASP A 221 -18.13 1.26 10.55
CA ASP A 221 -17.36 2.48 10.73
C ASP A 221 -16.10 2.50 9.86
N ALA A 222 -15.93 1.53 8.97
CA ALA A 222 -14.82 1.56 8.04
C ALA A 222 -14.99 2.69 7.04
N LEU A 223 -13.87 3.25 6.60
CA LEU A 223 -13.91 4.42 5.73
C LEU A 223 -14.63 4.11 4.42
N ALA A 224 -14.40 2.92 3.86
CA ALA A 224 -15.09 2.56 2.64
C ALA A 224 -16.59 2.40 2.87
N ALA A 225 -16.96 1.87 4.04
CA ALA A 225 -18.38 1.75 4.36
C ALA A 225 -19.05 3.11 4.43
N GLU A 226 -18.35 4.11 4.96
CA GLU A 226 -18.90 5.47 5.02
C GLU A 226 -18.91 6.12 3.65
N GLU A 227 -17.95 5.79 2.79
CA GLU A 227 -17.94 6.38 1.45
C GLU A 227 -19.00 5.76 0.56
N ILE A 228 -19.24 4.45 0.73
CA ILE A 228 -20.32 3.80 -0.01
C ILE A 228 -21.67 4.28 0.50
N LEU A 229 -21.79 4.54 1.81
CA LEU A 229 -23.03 5.11 2.34
C LEU A 229 -23.29 6.48 1.74
N THR A 230 -22.26 7.30 1.60
CA THR A 230 -22.41 8.55 0.88
C THR A 230 -22.88 8.32 -0.55
N LEU A 231 -22.32 7.31 -1.22
CA LEU A 231 -22.77 6.97 -2.56
C LEU A 231 -24.25 6.62 -2.57
N ALA A 232 -24.71 5.86 -1.57
CA ALA A 232 -26.11 5.50 -1.49
C ALA A 232 -27.00 6.74 -1.43
N ASN A 233 -26.61 7.74 -0.63
CA ASN A 233 -27.37 8.98 -0.57
C ASN A 233 -27.30 9.74 -1.89
N TRP A 234 -26.13 9.72 -2.53
CA TRP A 234 -26.00 10.37 -3.84
C TRP A 234 -26.94 9.72 -4.85
N CYS A 235 -27.09 8.40 -4.79
CA CYS A 235 -28.04 7.73 -5.67
C CYS A 235 -29.46 8.19 -5.38
N LEU A 236 -29.80 8.37 -4.10
CA LEU A 236 -31.13 8.87 -3.75
C LEU A 236 -31.34 10.29 -4.26
N LEU A 237 -30.27 11.09 -4.32
CA LEU A 237 -30.40 12.48 -4.75
C LEU A 237 -30.40 12.62 -6.27
N ASN A 238 -29.55 11.86 -6.96
CA ASN A 238 -29.32 12.09 -8.39
C ASN A 238 -29.83 10.99 -9.30
N TYR A 239 -29.96 9.75 -8.82
CA TYR A 239 -30.33 8.62 -9.66
C TYR A 239 -31.73 8.10 -9.36
N SER A 240 -32.64 8.99 -8.95
CA SER A 240 -33.99 8.59 -8.59
C SER A 240 -34.95 8.55 -9.77
N GLY A 241 -34.73 9.39 -10.78
CA GLY A 241 -35.65 9.46 -11.91
C GLY A 241 -35.40 8.37 -12.93
N LEU A 242 -36.49 7.89 -13.53
CA LEU A 242 -36.44 6.79 -14.47
C LEU A 242 -36.17 7.31 -15.89
N LYS A 243 -35.85 6.37 -16.79
CA LYS A 243 -35.52 6.68 -18.18
C LYS A 243 -36.76 6.52 -19.04
N THR A 244 -37.47 7.63 -19.26
CA THR A 244 -38.68 7.69 -20.10
C THR A 244 -39.66 6.55 -19.80
N ALA B 2 10.09 -22.16 -26.38
CA ALA B 2 8.78 -22.78 -26.48
C ALA B 2 7.68 -21.72 -26.53
N VAL B 3 6.44 -22.17 -26.67
CA VAL B 3 5.29 -21.29 -26.70
C VAL B 3 4.69 -21.26 -25.30
N LEU B 4 4.76 -20.10 -24.65
CA LEU B 4 4.32 -19.92 -23.27
C LEU B 4 3.17 -18.92 -23.25
N GLY B 5 2.01 -19.37 -22.78
CA GLY B 5 0.85 -18.51 -22.62
C GLY B 5 0.73 -17.99 -21.20
N LEU B 6 0.24 -16.76 -21.07
CA LEU B 6 -0.03 -16.16 -19.76
C LEU B 6 -1.50 -15.76 -19.70
N GLN B 7 -2.20 -16.26 -18.69
CA GLN B 7 -3.63 -15.97 -18.55
C GLN B 7 -3.96 -15.69 -17.09
N GLY B 8 -4.64 -14.57 -16.85
CA GLY B 8 -5.10 -14.26 -15.52
C GLY B 8 -6.29 -15.11 -15.11
N VAL B 9 -6.39 -15.38 -13.81
CA VAL B 9 -7.54 -16.12 -13.30
C VAL B 9 -8.79 -15.24 -13.34
N ARG B 10 -8.62 -13.94 -13.17
CA ARG B 10 -9.64 -12.96 -13.48
C ARG B 10 -8.97 -11.72 -14.07
N GLY B 11 -9.77 -10.69 -14.32
CA GLY B 11 -9.23 -9.47 -14.87
C GLY B 11 -8.47 -8.65 -13.84
N GLY B 12 -7.71 -7.67 -14.35
CA GLY B 12 -6.97 -6.75 -13.52
C GLY B 12 -5.83 -7.35 -12.71
N VAL B 13 -5.59 -8.65 -12.83
CA VAL B 13 -4.60 -9.32 -12.00
C VAL B 13 -3.17 -8.94 -12.38
N GLY B 14 -2.94 -8.48 -13.61
CA GLY B 14 -1.63 -8.01 -14.00
C GLY B 14 -0.98 -8.84 -15.10
N THR B 15 -1.81 -9.47 -15.94
CA THR B 15 -1.29 -10.37 -16.96
C THR B 15 -0.48 -9.62 -18.01
N THR B 16 -1.03 -8.52 -18.53
CA THR B 16 -0.37 -7.79 -19.60
C THR B 16 0.99 -7.24 -19.17
N THR B 17 1.03 -6.59 -18.00
CA THR B 17 2.29 -6.00 -17.53
C THR B 17 3.34 -7.08 -17.30
N ILE B 18 2.93 -8.24 -16.77
CA ILE B 18 3.88 -9.33 -16.55
C ILE B 18 4.32 -9.93 -17.87
N THR B 19 3.40 -10.07 -18.83
CA THR B 19 3.77 -10.62 -20.13
C THR B 19 4.82 -9.75 -20.82
N ALA B 20 4.65 -8.43 -20.78
CA ALA B 20 5.65 -7.55 -21.37
C ALA B 20 6.97 -7.65 -20.63
N ALA B 21 6.92 -7.68 -19.30
CA ALA B 21 8.14 -7.71 -18.51
C ALA B 21 8.90 -9.03 -18.68
N LEU B 22 8.16 -10.14 -18.77
CA LEU B 22 8.82 -11.43 -18.98
C LEU B 22 9.44 -11.50 -20.37
N ALA B 23 8.79 -10.90 -21.37
CA ALA B 23 9.35 -10.88 -22.72
C ALA B 23 10.65 -10.09 -22.74
N TRP B 24 10.65 -8.90 -22.12
CA TRP B 24 11.87 -8.11 -22.05
C TRP B 24 12.97 -8.84 -21.28
N SER B 25 12.60 -9.57 -20.22
CA SER B 25 13.60 -10.30 -19.46
C SER B 25 14.21 -11.44 -20.26
N LEU B 26 13.42 -12.06 -21.14
CA LEU B 26 13.96 -13.14 -21.96
C LEU B 26 14.87 -12.60 -23.07
N GLN B 27 14.53 -11.43 -23.63
CA GLN B 27 15.43 -10.84 -24.62
C GLN B 27 16.69 -10.30 -23.98
N MET B 28 16.62 -9.90 -22.70
CA MET B 28 17.84 -9.52 -21.99
C MET B 28 18.73 -10.72 -21.74
N LEU B 29 18.14 -11.90 -21.54
CA LEU B 29 18.91 -13.13 -21.39
C LEU B 29 19.48 -13.62 -22.72
N GLY B 30 19.18 -12.94 -23.83
CA GLY B 30 19.74 -13.29 -25.12
C GLY B 30 18.92 -14.25 -25.95
N GLU B 31 17.64 -14.41 -25.64
CA GLU B 31 16.77 -15.34 -26.35
C GLU B 31 15.91 -14.58 -27.36
N ASN B 32 15.83 -15.10 -28.57
CA ASN B 32 14.88 -14.57 -29.55
C ASN B 32 13.47 -14.83 -29.08
N VAL B 33 12.71 -13.77 -28.83
CA VAL B 33 11.36 -13.89 -28.27
C VAL B 33 10.39 -13.10 -29.13
N LEU B 34 9.23 -13.68 -29.39
CA LEU B 34 8.09 -12.99 -29.97
C LEU B 34 6.96 -12.99 -28.95
N VAL B 35 6.32 -11.84 -28.76
CA VAL B 35 5.21 -11.71 -27.81
C VAL B 35 3.98 -11.22 -28.58
N VAL B 36 2.89 -11.98 -28.49
CA VAL B 36 1.67 -11.68 -29.23
C VAL B 36 0.55 -11.36 -28.25
N ASP B 37 -0.31 -10.43 -28.64
CA ASP B 37 -1.42 -9.96 -27.81
C ASP B 37 -2.70 -10.58 -28.33
N ALA B 38 -3.28 -11.48 -27.55
CA ALA B 38 -4.53 -12.15 -27.91
C ALA B 38 -5.74 -11.53 -27.22
N CYS B 39 -5.56 -10.42 -26.49
CA CYS B 39 -6.70 -9.76 -25.85
C CYS B 39 -7.27 -8.69 -26.76
N PRO B 40 -8.60 -8.65 -26.94
CA PRO B 40 -9.20 -7.58 -27.75
C PRO B 40 -8.99 -6.18 -27.18
N ASP B 41 -8.56 -6.08 -25.92
CA ASP B 41 -8.27 -4.76 -25.36
C ASP B 41 -7.11 -4.10 -26.08
N ASN B 42 -6.19 -4.89 -26.62
CA ASN B 42 -5.01 -4.40 -27.32
C ASN B 42 -4.22 -3.43 -26.42
N LEU B 43 -3.87 -3.94 -25.24
CA LEU B 43 -3.12 -3.15 -24.26
C LEU B 43 -1.65 -3.52 -24.18
N LEU B 44 -1.26 -4.68 -24.73
CA LEU B 44 0.14 -5.10 -24.67
C LEU B 44 1.03 -4.22 -25.53
N ARG B 45 0.49 -3.72 -26.65
CA ARG B 45 1.27 -2.86 -27.54
C ARG B 45 1.73 -1.60 -26.83
N LEU B 46 0.96 -1.12 -25.86
CA LEU B 46 1.24 0.17 -25.23
C LEU B 46 2.39 0.10 -24.25
N SER B 47 2.85 -1.10 -23.89
CA SER B 47 4.04 -1.24 -23.07
C SER B 47 5.33 -1.17 -23.88
N PHE B 48 5.22 -0.93 -25.19
CA PHE B 48 6.38 -0.87 -26.07
C PHE B 48 6.39 0.40 -26.92
N ASN B 49 5.89 1.50 -26.35
CA ASN B 49 5.92 2.83 -26.98
C ASN B 49 5.21 2.85 -28.34
N VAL B 50 4.31 1.90 -28.59
CA VAL B 50 3.46 1.99 -29.78
C VAL B 50 2.48 3.14 -29.59
N ASP B 51 2.47 4.06 -30.55
CA ASP B 51 1.52 5.16 -30.50
C ASP B 51 0.10 4.63 -30.47
N PHE B 52 -0.73 5.23 -29.60
CA PHE B 52 -2.07 4.70 -29.35
C PHE B 52 -2.95 4.73 -30.59
N THR B 53 -2.70 5.68 -31.50
CA THR B 53 -3.51 5.78 -32.72
C THR B 53 -3.22 4.64 -33.69
N HIS B 54 -2.05 4.00 -33.59
CA HIS B 54 -1.66 2.89 -34.47
C HIS B 54 -2.63 1.73 -34.30
N ARG B 55 -3.51 1.52 -35.29
CA ARG B 55 -4.57 0.53 -35.19
C ARG B 55 -4.17 -0.85 -35.70
N GLN B 56 -3.02 -0.98 -36.35
CA GLN B 56 -2.67 -2.20 -37.03
C GLN B 56 -2.40 -3.33 -36.03
N GLY B 57 -2.81 -4.54 -36.39
CA GLY B 57 -2.64 -5.70 -35.54
C GLY B 57 -3.08 -6.93 -36.28
N TRP B 58 -2.76 -8.09 -35.70
CA TRP B 58 -2.99 -9.34 -36.43
C TRP B 58 -4.48 -9.60 -36.63
N ALA B 59 -5.29 -9.35 -35.61
CA ALA B 59 -6.73 -9.49 -35.77
C ALA B 59 -7.28 -8.40 -36.68
N ARG B 60 -6.73 -7.18 -36.57
CA ARG B 60 -7.14 -6.11 -37.46
C ARG B 60 -6.84 -6.46 -38.92
N ALA B 61 -5.75 -7.19 -39.15
CA ALA B 61 -5.40 -7.58 -40.51
C ALA B 61 -6.33 -8.66 -41.04
N MET B 62 -6.63 -9.68 -40.22
CA MET B 62 -7.45 -10.78 -40.70
C MET B 62 -8.88 -10.33 -41.01
N LEU B 63 -9.45 -9.49 -40.16
CA LEU B 63 -10.82 -9.02 -40.40
C LEU B 63 -10.88 -8.10 -41.62
N ASP B 64 -9.83 -7.34 -41.88
CA ASP B 64 -9.74 -6.50 -43.06
C ASP B 64 -9.23 -7.25 -44.28
N GLY B 65 -9.02 -8.56 -44.17
CA GLY B 65 -8.51 -9.34 -45.29
C GLY B 65 -7.08 -9.00 -45.66
N GLN B 66 -6.22 -8.79 -44.66
CA GLN B 66 -4.83 -8.42 -44.89
C GLN B 66 -3.91 -9.45 -44.24
N ASP B 67 -2.63 -9.38 -44.61
CA ASP B 67 -1.64 -10.32 -44.09
C ASP B 67 -1.30 -9.96 -42.65
N TRP B 68 -1.51 -10.90 -41.73
CA TRP B 68 -1.21 -10.65 -40.34
C TRP B 68 0.29 -10.57 -40.09
N ARG B 69 1.08 -11.19 -40.95
CA ARG B 69 2.53 -11.15 -40.77
C ARG B 69 3.08 -9.75 -40.94
N ASP B 70 2.38 -8.91 -41.71
CA ASP B 70 2.79 -7.53 -41.89
C ASP B 70 2.38 -6.63 -40.74
N ALA B 71 1.76 -7.18 -39.70
CA ALA B 71 1.36 -6.42 -38.52
C ALA B 71 2.39 -6.51 -37.41
N GLY B 72 3.54 -7.12 -37.67
CA GLY B 72 4.56 -7.26 -36.65
C GLY B 72 5.33 -5.97 -36.43
N LEU B 73 6.01 -5.92 -35.28
CA LEU B 73 6.80 -4.76 -34.87
C LEU B 73 8.04 -5.26 -34.15
N ARG B 74 9.18 -4.61 -34.41
CA ARG B 74 10.45 -4.99 -33.81
C ARG B 74 10.81 -3.99 -32.73
N TYR B 75 11.01 -4.48 -31.50
CA TYR B 75 11.38 -3.59 -30.42
C TYR B 75 12.88 -3.56 -30.22
N THR B 76 13.49 -4.74 -30.07
CA THR B 76 14.94 -4.89 -30.02
C THR B 76 15.34 -5.98 -31.01
N SER B 77 16.65 -6.26 -31.05
CA SER B 77 17.16 -7.25 -31.98
C SER B 77 16.57 -8.64 -31.73
N GLN B 78 16.16 -8.91 -30.48
CA GLN B 78 15.69 -10.23 -30.11
C GLN B 78 14.28 -10.22 -29.52
N LEU B 79 13.56 -9.10 -29.59
CA LEU B 79 12.19 -9.02 -29.09
C LEU B 79 11.30 -8.43 -30.17
N ASP B 80 10.36 -9.24 -30.67
CA ASP B 80 9.35 -8.80 -31.61
C ASP B 80 7.98 -8.91 -30.95
N LEU B 81 7.04 -8.08 -31.39
CA LEU B 81 5.71 -8.07 -30.82
C LEU B 81 4.66 -8.03 -31.93
N LEU B 82 3.48 -8.58 -31.63
CA LEU B 82 2.37 -8.64 -32.57
C LEU B 82 1.09 -8.18 -31.88
N PRO B 83 0.66 -6.96 -32.09
CA PRO B 83 -0.53 -6.46 -31.40
C PRO B 83 -1.81 -7.08 -31.95
N PHE B 84 -2.88 -6.93 -31.17
CA PHE B 84 -4.19 -7.45 -31.56
C PHE B 84 -4.86 -6.57 -32.61
N GLY B 85 -4.75 -5.26 -32.46
CA GLY B 85 -5.36 -4.34 -33.39
C GLY B 85 -6.55 -3.62 -32.77
N GLN B 86 -6.73 -2.36 -33.15
CA GLN B 86 -7.78 -1.52 -32.58
C GLN B 86 -9.11 -1.85 -33.25
N LEU B 87 -10.04 -2.40 -32.49
CA LEU B 87 -11.39 -2.63 -32.97
C LEU B 87 -12.21 -1.35 -32.81
N SER B 88 -13.09 -1.10 -33.78
CA SER B 88 -13.99 0.02 -33.65
C SER B 88 -14.98 -0.23 -32.51
N ILE B 89 -15.71 0.82 -32.14
CA ILE B 89 -16.67 0.68 -31.04
C ILE B 89 -17.73 -0.35 -31.39
N GLU B 90 -18.16 -0.39 -32.66
CA GLU B 90 -19.13 -1.39 -33.08
C GLU B 90 -18.55 -2.79 -32.97
N GLU B 91 -17.26 -2.94 -33.27
CA GLU B 91 -16.66 -4.27 -33.29
C GLU B 91 -16.46 -4.82 -31.89
N GLN B 92 -16.07 -3.97 -30.94
CA GLN B 92 -15.81 -4.47 -29.60
C GLN B 92 -17.11 -4.75 -28.84
N GLU B 93 -18.16 -3.97 -29.11
CA GLU B 93 -19.45 -4.22 -28.49
C GLU B 93 -20.22 -5.35 -29.17
N ASN B 94 -19.76 -5.81 -30.34
CA ASN B 94 -20.33 -6.95 -31.04
C ASN B 94 -19.23 -7.98 -31.25
N PRO B 95 -18.85 -8.72 -30.21
CA PRO B 95 -17.78 -9.71 -30.38
C PRO B 95 -18.21 -10.91 -31.21
N GLN B 96 -19.50 -11.20 -31.28
CA GLN B 96 -19.97 -12.32 -32.09
C GLN B 96 -19.60 -12.15 -33.56
N HIS B 97 -19.43 -10.90 -34.00
CA HIS B 97 -19.19 -10.64 -35.42
C HIS B 97 -17.79 -11.07 -35.85
N TRP B 98 -16.82 -11.11 -34.93
CA TRP B 98 -15.44 -11.35 -35.31
C TRP B 98 -14.78 -12.54 -34.62
N GLN B 99 -15.40 -13.12 -33.60
CA GLN B 99 -14.75 -14.19 -32.84
C GLN B 99 -14.45 -15.40 -33.72
N THR B 100 -15.47 -15.92 -34.40
CA THR B 100 -15.29 -17.10 -35.22
C THR B 100 -14.50 -16.85 -36.50
N ARG B 101 -14.12 -15.60 -36.78
CA ARG B 101 -13.43 -15.24 -38.01
C ARG B 101 -11.95 -14.96 -37.77
N LEU B 102 -11.37 -15.60 -36.76
CA LEU B 102 -9.95 -15.38 -36.43
C LEU B 102 -9.19 -16.69 -36.26
N SER B 103 -9.75 -17.82 -36.70
CA SER B 103 -9.09 -19.10 -36.53
C SER B 103 -7.85 -19.27 -37.39
N ASP B 104 -7.62 -18.38 -38.36
CA ASP B 104 -6.44 -18.48 -39.21
C ASP B 104 -5.14 -18.30 -38.45
N ILE B 105 -5.18 -17.67 -37.27
CA ILE B 105 -3.96 -17.43 -36.51
C ILE B 105 -3.37 -18.71 -35.97
N CYS B 106 -4.17 -19.78 -35.86
CA CYS B 106 -3.65 -21.05 -35.34
C CYS B 106 -2.65 -21.67 -36.31
N SER B 107 -3.02 -21.77 -37.58
CA SER B 107 -2.09 -22.30 -38.57
C SER B 107 -0.84 -21.43 -38.69
N GLY B 108 -1.02 -20.12 -38.71
CA GLY B 108 0.13 -19.23 -38.78
C GLY B 108 0.99 -19.27 -37.55
N LEU B 109 0.40 -19.56 -36.39
CA LEU B 109 1.18 -19.64 -35.17
C LEU B 109 2.06 -20.89 -35.16
N GLN B 110 1.52 -22.02 -35.65
CA GLN B 110 2.30 -23.25 -35.65
C GLN B 110 3.35 -23.23 -36.73
N GLN B 111 3.13 -22.45 -37.79
CA GLN B 111 4.18 -22.23 -38.79
C GLN B 111 5.31 -21.39 -38.22
N LEU B 112 4.97 -20.27 -37.59
CA LEU B 112 5.93 -19.46 -36.86
C LEU B 112 6.65 -20.29 -35.80
N LYS B 113 5.90 -21.16 -35.11
CA LYS B 113 6.48 -22.08 -34.14
C LYS B 113 7.55 -22.96 -34.79
N ALA B 114 7.20 -23.60 -35.91
CA ALA B 114 8.13 -24.52 -36.57
C ALA B 114 9.29 -23.82 -37.24
N SER B 115 9.16 -22.51 -37.51
CA SER B 115 10.21 -21.78 -38.21
C SER B 115 11.55 -21.89 -37.51
N GLY B 116 11.55 -21.67 -36.19
CA GLY B 116 12.78 -21.70 -35.41
C GLY B 116 13.44 -20.36 -35.19
N ARG B 117 12.84 -19.28 -35.69
CA ARG B 117 13.41 -17.95 -35.47
C ARG B 117 13.31 -17.55 -34.00
N TYR B 118 12.18 -17.82 -33.37
CA TYR B 118 11.93 -17.39 -31.99
C TYR B 118 12.09 -18.56 -31.04
N GLN B 119 12.91 -18.37 -30.00
CA GLN B 119 13.10 -19.39 -28.98
C GLN B 119 12.01 -19.36 -27.92
N TRP B 120 11.27 -18.26 -27.84
CA TRP B 120 10.13 -18.12 -26.96
C TRP B 120 9.03 -17.35 -27.68
N ILE B 121 7.80 -17.82 -27.56
CA ILE B 121 6.63 -17.10 -28.07
C ILE B 121 5.67 -16.93 -26.90
N LEU B 122 5.51 -15.69 -26.45
CA LEU B 122 4.61 -15.36 -25.35
C LEU B 122 3.27 -14.88 -25.89
N ILE B 123 2.18 -15.34 -25.27
CA ILE B 123 0.83 -14.99 -25.70
C ILE B 123 0.08 -14.43 -24.51
N ASP B 124 -0.39 -13.19 -24.62
CA ASP B 124 -1.22 -12.57 -23.60
C ASP B 124 -2.67 -12.97 -23.86
N LEU B 125 -3.17 -13.91 -23.07
CA LEU B 125 -4.51 -14.48 -23.20
C LEU B 125 -5.49 -13.74 -22.31
N PRO B 126 -6.71 -13.41 -22.80
CA PRO B 126 -7.72 -12.78 -21.94
C PRO B 126 -8.52 -13.80 -21.14
N ARG B 127 -9.45 -13.33 -20.30
CA ARG B 127 -10.20 -14.19 -19.40
C ARG B 127 -11.42 -14.84 -20.07
N ASP B 128 -11.83 -14.36 -21.25
CA ASP B 128 -13.00 -14.93 -21.90
C ASP B 128 -12.76 -16.38 -22.30
N ALA B 129 -13.85 -17.12 -22.48
CA ALA B 129 -13.80 -18.51 -22.92
C ALA B 129 -14.13 -18.63 -24.40
N SER B 130 -13.70 -17.65 -25.19
CA SER B 130 -14.01 -17.62 -26.61
C SER B 130 -13.31 -18.77 -27.34
N GLN B 131 -13.79 -19.06 -28.54
CA GLN B 131 -13.23 -20.15 -29.33
C GLN B 131 -11.77 -19.87 -29.70
N ILE B 132 -11.45 -18.61 -30.00
CA ILE B 132 -10.08 -18.29 -30.40
C ILE B 132 -9.11 -18.47 -29.25
N THR B 133 -9.48 -18.00 -28.06
CA THR B 133 -8.57 -18.10 -26.91
C THR B 133 -8.40 -19.55 -26.46
N HIS B 134 -9.45 -20.37 -26.59
CA HIS B 134 -9.29 -21.80 -26.33
C HIS B 134 -8.35 -22.44 -27.34
N GLN B 135 -8.39 -21.98 -28.60
CA GLN B 135 -7.51 -22.54 -29.62
C GLN B 135 -6.06 -22.14 -29.38
N LEU B 136 -5.82 -20.85 -29.07
CA LEU B 136 -4.47 -20.40 -28.81
C LEU B 136 -3.90 -21.04 -27.55
N LEU B 137 -4.76 -21.27 -26.54
CA LEU B 137 -4.29 -21.96 -25.33
C LEU B 137 -3.90 -23.40 -25.62
N SER B 138 -4.58 -24.05 -26.56
CA SER B 138 -4.23 -25.42 -26.92
C SER B 138 -2.89 -25.49 -27.65
N LEU B 139 -2.54 -24.45 -28.39
CA LEU B 139 -1.28 -24.42 -29.13
C LEU B 139 -0.08 -24.08 -28.26
N CYS B 140 -0.29 -23.76 -26.99
CA CYS B 140 0.81 -23.41 -26.10
C CYS B 140 1.51 -24.65 -25.60
N ASP B 141 2.80 -24.51 -25.27
CA ASP B 141 3.56 -25.59 -24.68
C ASP B 141 3.41 -25.63 -23.16
N HIS B 142 3.52 -24.46 -22.52
CA HIS B 142 3.22 -24.33 -21.10
C HIS B 142 2.43 -23.04 -20.88
N SER B 143 1.82 -22.94 -19.70
CA SER B 143 1.00 -21.78 -19.38
C SER B 143 1.21 -21.36 -17.93
N LEU B 144 1.01 -20.08 -17.68
CA LEU B 144 1.06 -19.50 -16.34
C LEU B 144 -0.31 -18.92 -16.02
N ALA B 145 -0.82 -19.22 -14.84
CA ALA B 145 -2.09 -18.66 -14.35
C ALA B 145 -1.78 -17.57 -13.34
N ILE B 146 -2.00 -16.33 -13.73
CA ILE B 146 -1.70 -15.18 -12.87
C ILE B 146 -2.83 -14.99 -11.86
N VAL B 147 -2.47 -14.88 -10.58
CA VAL B 147 -3.43 -14.63 -9.52
C VAL B 147 -2.94 -13.47 -8.66
N ASN B 148 -3.88 -12.89 -7.92
CA ASN B 148 -3.59 -11.99 -6.80
C ASN B 148 -4.10 -12.64 -5.53
N VAL B 149 -3.38 -12.47 -4.43
CA VAL B 149 -3.76 -13.10 -3.17
C VAL B 149 -4.93 -12.35 -2.55
N ASP B 150 -6.15 -12.73 -2.93
CA ASP B 150 -7.35 -12.13 -2.35
C ASP B 150 -8.45 -13.20 -2.32
N ALA B 151 -9.58 -12.84 -1.72
CA ALA B 151 -10.69 -13.77 -1.63
C ALA B 151 -11.31 -14.06 -2.99
N ASN B 152 -11.21 -13.11 -3.93
CA ASN B 152 -11.74 -13.32 -5.27
C ASN B 152 -11.03 -14.48 -5.96
N CYS B 153 -9.69 -14.42 -6.04
CA CYS B 153 -8.95 -15.47 -6.70
C CYS B 153 -9.02 -16.78 -5.94
N HIS B 154 -9.15 -16.73 -4.62
CA HIS B 154 -9.30 -17.95 -3.84
C HIS B 154 -10.58 -18.69 -4.21
N ILE B 155 -11.66 -17.95 -4.50
CA ILE B 155 -12.89 -18.58 -4.94
C ILE B 155 -12.72 -19.16 -6.33
N GLU B 156 -12.18 -18.36 -7.25
CA GLU B 156 -12.01 -18.79 -8.64
C GLU B 156 -11.13 -20.04 -8.72
N LEU B 157 -10.04 -20.07 -7.96
CA LEU B 157 -9.15 -21.23 -7.99
C LEU B 157 -9.87 -22.54 -7.68
N HIS B 158 -11.04 -22.47 -7.05
CA HIS B 158 -11.83 -23.66 -6.78
C HIS B 158 -12.93 -23.90 -7.80
N GLN B 159 -13.55 -22.84 -8.32
CA GLN B 159 -14.67 -22.96 -9.25
C GLN B 159 -14.27 -22.74 -10.70
N GLN B 160 -12.98 -22.61 -10.99
CA GLN B 160 -12.50 -22.35 -12.34
C GLN B 160 -11.41 -23.34 -12.69
N ALA B 161 -11.60 -24.06 -13.80
CA ALA B 161 -10.66 -25.09 -14.23
C ALA B 161 -9.40 -24.45 -14.80
N LEU B 162 -8.24 -24.87 -14.28
CA LEU B 162 -6.98 -24.37 -14.81
C LEU B 162 -6.47 -25.28 -15.93
N PRO B 163 -5.73 -24.72 -16.88
CA PRO B 163 -5.13 -25.57 -17.93
C PRO B 163 -4.20 -26.61 -17.33
N ASP B 164 -4.10 -27.74 -18.03
CA ASP B 164 -3.31 -28.86 -17.52
C ASP B 164 -1.83 -28.51 -17.51
N GLY B 165 -1.15 -28.85 -16.42
CA GLY B 165 0.26 -28.57 -16.28
C GLY B 165 0.62 -27.12 -16.04
N ALA B 166 -0.38 -26.26 -15.85
CA ALA B 166 -0.10 -24.85 -15.65
C ALA B 166 0.57 -24.62 -14.30
N HIS B 167 1.13 -23.43 -14.15
CA HIS B 167 1.74 -23.01 -12.89
C HIS B 167 1.17 -21.65 -12.50
N ILE B 168 0.91 -21.47 -11.22
CA ILE B 168 0.26 -20.28 -10.70
C ILE B 168 1.31 -19.27 -10.29
N LEU B 169 1.15 -18.02 -10.75
CA LEU B 169 2.05 -16.93 -10.42
C LEU B 169 1.29 -15.89 -9.61
N ILE B 170 1.90 -15.42 -8.51
CA ILE B 170 1.30 -14.46 -7.61
C ILE B 170 1.82 -13.07 -7.94
N ASN B 171 0.90 -12.12 -8.09
CA ASN B 171 1.24 -10.72 -8.37
C ASN B 171 0.55 -9.83 -7.34
N ASN B 172 1.02 -8.59 -7.26
CA ASN B 172 0.49 -7.60 -6.32
C ASN B 172 0.48 -8.16 -4.89
N PHE B 173 1.68 -8.44 -4.39
CA PHE B 173 1.84 -9.06 -3.08
C PHE B 173 2.15 -7.97 -2.06
N ARG B 174 1.13 -7.54 -1.32
CA ARG B 174 1.32 -6.59 -0.24
C ARG B 174 1.80 -7.32 1.01
N ILE B 175 2.71 -6.70 1.73
CA ILE B 175 3.17 -7.22 3.02
C ILE B 175 2.56 -6.36 4.12
N GLY B 176 1.83 -6.98 5.03
CA GLY B 176 1.15 -6.25 6.10
C GLY B 176 -0.35 -6.27 5.97
N SER B 177 -0.91 -7.43 5.63
CA SER B 177 -2.35 -7.59 5.48
C SER B 177 -2.75 -8.95 6.04
N GLN B 178 -3.62 -8.94 7.05
CA GLN B 178 -3.95 -10.19 7.74
C GLN B 178 -4.64 -11.18 6.81
N VAL B 179 -5.66 -10.70 6.08
CA VAL B 179 -6.40 -11.62 5.22
C VAL B 179 -5.53 -12.15 4.09
N GLN B 180 -4.65 -11.31 3.53
CA GLN B 180 -3.78 -11.78 2.47
C GLN B 180 -2.81 -12.83 2.99
N ASP B 181 -2.24 -12.61 4.18
CA ASP B 181 -1.31 -13.58 4.73
C ASP B 181 -2.03 -14.88 5.10
N ASP B 182 -3.30 -14.80 5.49
CA ASP B 182 -4.05 -16.01 5.79
C ASP B 182 -4.38 -16.79 4.52
N ILE B 183 -4.78 -16.08 3.46
CA ILE B 183 -5.04 -16.75 2.19
C ILE B 183 -3.75 -17.34 1.62
N TYR B 184 -2.63 -16.63 1.79
CA TYR B 184 -1.34 -17.12 1.32
C TYR B 184 -0.95 -18.39 2.06
N GLN B 185 -0.98 -18.37 3.39
CA GLN B 185 -0.61 -19.54 4.17
C GLN B 185 -1.53 -20.73 3.91
N LEU B 186 -2.77 -20.48 3.48
CA LEU B 186 -3.63 -21.58 3.06
C LEU B 186 -3.22 -22.08 1.68
N TRP B 187 -2.77 -21.18 0.80
CA TRP B 187 -2.28 -21.59 -0.51
C TRP B 187 -0.97 -22.37 -0.42
N LEU B 188 -0.13 -22.06 0.57
CA LEU B 188 1.16 -22.72 0.68
C LEU B 188 1.03 -24.21 0.99
N GLN B 189 -0.09 -24.62 1.58
CA GLN B 189 -0.30 -26.02 1.90
C GLN B 189 -1.46 -26.65 1.13
N SER B 190 -2.12 -25.90 0.24
CA SER B 190 -3.22 -26.43 -0.55
C SER B 190 -2.99 -26.35 -2.05
N GLN B 191 -2.16 -25.43 -2.53
CA GLN B 191 -1.91 -25.26 -3.96
C GLN B 191 -0.56 -25.87 -4.30
N ARG B 192 -0.59 -27.04 -4.94
CA ARG B 192 0.63 -27.70 -5.39
C ARG B 192 1.20 -27.09 -6.67
N ARG B 193 0.41 -26.32 -7.40
CA ARG B 193 0.83 -25.72 -8.65
C ARG B 193 1.48 -24.35 -8.48
N LEU B 194 1.80 -23.97 -7.24
CA LEU B 194 2.37 -22.65 -6.99
C LEU B 194 3.82 -22.59 -7.43
N LEU B 195 4.25 -21.38 -7.79
CA LEU B 195 5.62 -21.16 -8.20
C LEU B 195 6.52 -20.90 -6.99
N PRO B 196 7.84 -21.03 -7.14
CA PRO B 196 8.75 -20.73 -6.04
C PRO B 196 9.06 -19.25 -5.87
N MET B 197 8.35 -18.38 -6.59
CA MET B 197 8.60 -16.95 -6.54
C MET B 197 7.27 -16.21 -6.71
N LEU B 198 7.28 -14.92 -6.39
CA LEU B 198 6.11 -14.09 -6.57
C LEU B 198 6.55 -12.67 -6.82
N ILE B 199 5.65 -11.88 -7.38
CA ILE B 199 5.92 -10.51 -7.78
C ILE B 199 5.22 -9.60 -6.78
N HIS B 200 6.02 -8.90 -5.96
CA HIS B 200 5.47 -7.96 -5.00
C HIS B 200 4.79 -6.78 -5.69
N ARG B 201 3.84 -6.18 -4.99
CA ARG B 201 3.30 -4.91 -5.46
C ARG B 201 4.40 -3.86 -5.44
N ASP B 202 4.64 -3.23 -6.59
CA ASP B 202 5.76 -2.32 -6.76
C ASP B 202 5.26 -1.13 -7.55
N GLU B 203 5.62 0.08 -7.11
CA GLU B 203 5.23 1.27 -7.85
C GLU B 203 5.77 1.28 -9.28
N ALA B 204 6.87 0.55 -9.54
CA ALA B 204 7.42 0.52 -10.89
C ALA B 204 6.46 -0.16 -11.86
N MET B 205 5.78 -1.21 -11.41
CA MET B 205 4.82 -1.90 -12.26
C MET B 205 3.62 -1.02 -12.61
N ALA B 206 3.33 -0.01 -11.79
CA ALA B 206 2.26 0.92 -12.09
C ALA B 206 2.74 2.11 -12.91
N GLU B 207 4.02 2.45 -12.81
CA GLU B 207 4.58 3.59 -13.54
C GLU B 207 5.04 3.22 -14.94
N CYS B 208 5.48 1.98 -15.14
CA CYS B 208 6.06 1.59 -16.43
C CYS B 208 5.03 1.69 -17.55
N LEU B 209 3.80 1.25 -17.29
CA LEU B 209 2.76 1.36 -18.31
C LEU B 209 2.48 2.82 -18.65
N ALA B 210 2.56 3.72 -17.66
CA ALA B 210 2.44 5.13 -17.95
C ALA B 210 3.60 5.62 -18.81
N ALA B 211 4.79 5.05 -18.59
CA ALA B 211 5.96 5.40 -19.39
C ALA B 211 6.03 4.60 -20.69
N LYS B 212 5.10 3.67 -20.90
CA LYS B 212 5.03 2.87 -22.12
C LYS B 212 6.33 2.09 -22.35
N GLN B 213 6.75 1.39 -21.31
CA GLN B 213 7.94 0.55 -21.33
C GLN B 213 7.66 -0.72 -20.54
N PRO B 214 8.43 -1.77 -20.76
CA PRO B 214 8.40 -2.90 -19.82
C PRO B 214 9.12 -2.53 -18.53
N VAL B 215 8.73 -3.20 -17.45
CA VAL B 215 9.25 -2.80 -16.14
C VAL B 215 10.75 -3.08 -16.04
N GLY B 216 11.26 -4.06 -16.78
CA GLY B 216 12.69 -4.32 -16.76
C GLY B 216 13.49 -3.18 -17.37
N GLU B 217 12.96 -2.58 -18.44
CA GLU B 217 13.62 -1.43 -19.05
C GLU B 217 13.35 -0.15 -18.28
N TYR B 218 12.19 -0.05 -17.60
CA TYR B 218 11.87 1.17 -16.87
C TYR B 218 12.76 1.33 -15.64
N ARG B 219 12.81 0.32 -14.77
CA ARG B 219 13.71 0.31 -13.62
C ARG B 219 14.22 -1.12 -13.42
N SER B 220 15.44 -1.37 -13.90
CA SER B 220 16.03 -2.70 -13.73
C SER B 220 16.35 -3.01 -12.27
N ASP B 221 16.44 -2.00 -11.41
CA ASP B 221 16.73 -2.18 -10.00
C ASP B 221 15.49 -2.44 -9.15
N ALA B 222 14.29 -2.31 -9.72
CA ALA B 222 13.06 -2.49 -8.96
C ALA B 222 12.87 -3.94 -8.55
N LEU B 223 12.34 -4.15 -7.35
CA LEU B 223 12.17 -5.50 -6.82
C LEU B 223 11.34 -6.36 -7.77
N ALA B 224 10.25 -5.79 -8.31
CA ALA B 224 9.42 -6.55 -9.24
C ALA B 224 10.18 -6.91 -10.50
N ALA B 225 11.07 -6.02 -10.97
CA ALA B 225 11.84 -6.29 -12.17
C ALA B 225 12.77 -7.47 -11.96
N GLU B 226 13.45 -7.53 -10.81
CA GLU B 226 14.32 -8.66 -10.52
C GLU B 226 13.53 -9.94 -10.27
N GLU B 227 12.33 -9.81 -9.71
CA GLU B 227 11.50 -11.00 -9.47
C GLU B 227 11.04 -11.60 -10.79
N ILE B 228 10.73 -10.76 -11.78
CA ILE B 228 10.36 -11.26 -13.10
C ILE B 228 11.58 -11.80 -13.84
N LEU B 229 12.74 -11.17 -13.63
CA LEU B 229 13.98 -11.73 -14.17
C LEU B 229 14.24 -13.12 -13.61
N THR B 230 13.92 -13.32 -12.33
CA THR B 230 14.00 -14.66 -11.76
C THR B 230 12.98 -15.59 -12.42
N LEU B 231 11.84 -15.05 -12.85
CA LEU B 231 10.85 -15.87 -13.54
C LEU B 231 11.36 -16.32 -14.90
N ALA B 232 12.05 -15.43 -15.62
CA ALA B 232 12.63 -15.79 -16.91
C ALA B 232 13.64 -16.93 -16.76
N ASN B 233 14.53 -16.82 -15.76
CA ASN B 233 15.51 -17.88 -15.55
C ASN B 233 14.83 -19.18 -15.15
N TRP B 234 13.73 -19.09 -14.38
CA TRP B 234 12.97 -20.29 -14.05
C TRP B 234 12.33 -20.90 -15.28
N CYS B 235 11.85 -20.05 -16.20
CA CYS B 235 11.31 -20.55 -17.47
C CYS B 235 12.37 -21.27 -18.28
N LEU B 236 13.59 -20.73 -18.31
CA LEU B 236 14.66 -21.40 -19.05
C LEU B 236 14.93 -22.77 -18.48
N LEU B 237 14.80 -22.93 -17.17
CA LEU B 237 15.15 -24.19 -16.53
C LEU B 237 14.01 -25.19 -16.54
N ASN B 238 12.75 -24.74 -16.65
CA ASN B 238 11.61 -25.62 -16.51
C ASN B 238 10.64 -25.62 -17.69
N TYR B 239 10.62 -24.57 -18.52
CA TYR B 239 9.61 -24.45 -19.57
C TYR B 239 10.20 -24.50 -20.98
N SER B 240 11.48 -24.82 -21.13
CA SER B 240 12.11 -24.78 -22.44
C SER B 240 11.74 -25.96 -23.32
N GLY B 241 11.29 -27.07 -22.73
CA GLY B 241 10.88 -28.20 -23.52
C GLY B 241 9.64 -27.92 -24.34
N LEU B 242 9.50 -28.68 -25.42
CA LEU B 242 8.40 -28.54 -26.38
C LEU B 242 7.53 -29.79 -26.26
N LYS B 243 6.67 -29.79 -25.25
CA LYS B 243 5.80 -30.93 -25.00
C LYS B 243 4.77 -31.06 -26.13
N THR B 244 4.76 -32.23 -26.77
CA THR B 244 3.90 -32.48 -27.92
C THR B 244 2.78 -33.45 -27.58
N SER C 45 0.08 27.23 -7.96
CA SER C 45 1.10 26.32 -8.46
C SER C 45 0.47 25.09 -9.10
N GLN C 46 -0.87 25.07 -9.16
CA GLN C 46 -1.55 23.89 -9.69
C GLN C 46 -1.38 23.77 -11.20
N ARG C 47 -1.29 24.91 -11.91
CA ARG C 47 -0.98 24.86 -13.33
C ARG C 47 0.41 24.26 -13.57
N GLU C 48 1.35 24.52 -12.65
CA GLU C 48 2.70 23.98 -12.79
C GLU C 48 2.71 22.47 -12.63
N GLN C 49 2.00 21.95 -11.62
CA GLN C 49 2.08 20.53 -11.29
C GLN C 49 1.54 19.67 -12.43
N LEU C 50 0.48 20.13 -13.10
CA LEU C 50 -0.06 19.37 -14.22
C LEU C 50 0.92 19.32 -15.38
N ALA C 51 1.60 20.43 -15.66
CA ALA C 51 2.58 20.46 -16.74
C ALA C 51 3.70 19.44 -16.50
N ALA C 52 4.17 19.34 -15.25
CA ALA C 52 5.23 18.38 -14.94
C ALA C 52 4.72 16.95 -15.06
N ALA C 53 3.45 16.71 -14.71
CA ALA C 53 2.91 15.35 -14.78
C ALA C 53 2.80 14.86 -16.21
N LEU C 54 2.46 15.74 -17.15
CA LEU C 54 2.43 15.35 -18.56
C LEU C 54 3.83 15.06 -19.08
N LYS C 55 4.81 15.88 -18.69
CA LYS C 55 6.19 15.63 -19.10
C LYS C 55 6.74 14.34 -18.51
N ARG C 56 6.27 13.95 -17.33
CA ARG C 56 6.80 12.77 -16.67
C ARG C 56 6.26 11.49 -17.32
N TRP C 57 4.99 11.50 -17.72
CA TRP C 57 4.34 10.30 -18.24
C TRP C 57 3.96 10.49 -19.70
N PRO C 58 4.63 9.81 -20.64
CA PRO C 58 4.25 9.98 -22.05
C PRO C 58 2.84 9.51 -22.37
N LEU C 59 2.33 8.53 -21.63
CA LEU C 59 0.98 8.04 -21.90
C LEU C 59 -0.06 9.13 -21.65
N LEU C 60 0.13 9.92 -20.58
CA LEU C 60 -0.80 11.00 -20.31
C LEU C 60 -0.71 12.09 -21.37
N ALA C 61 0.51 12.46 -21.78
CA ALA C 61 0.66 13.46 -22.83
C ALA C 61 0.06 12.98 -24.14
N GLU C 62 0.20 11.68 -24.44
CA GLU C 62 -0.30 11.15 -25.71
C GLU C 62 -1.80 11.40 -25.87
N PHE C 63 -2.55 11.33 -24.77
CA PHE C 63 -4.00 11.52 -24.85
C PHE C 63 -4.40 12.98 -24.70
N ALA C 64 -3.57 13.80 -24.07
CA ALA C 64 -3.89 15.20 -23.87
C ALA C 64 -3.45 16.10 -25.02
N GLN C 65 -2.49 15.66 -25.85
CA GLN C 65 -1.98 16.45 -26.94
C GLN C 65 -2.64 16.14 -28.27
N GLN C 66 -3.67 15.30 -28.28
CA GLN C 66 -4.41 15.01 -29.51
C GLN C 66 -5.25 16.22 -29.92
N LEU D 14 -16.73 -43.63 -5.55
CA LEU D 14 -15.60 -44.52 -5.28
C LEU D 14 -14.33 -43.71 -4.99
N PRO D 15 -13.51 -44.16 -4.03
CA PRO D 15 -12.39 -43.33 -3.56
C PRO D 15 -11.10 -43.50 -4.35
N ASP D 16 -10.10 -42.71 -3.99
CA ASP D 16 -8.76 -42.83 -4.53
C ASP D 16 -8.17 -44.19 -4.17
N PRO D 17 -7.75 -45.00 -5.15
CA PRO D 17 -7.18 -46.32 -4.81
C PRO D 17 -5.82 -46.26 -4.14
N ALA D 18 -5.16 -45.10 -4.13
CA ALA D 18 -3.89 -44.91 -3.45
C ALA D 18 -4.06 -44.27 -2.08
N ILE D 19 -5.29 -44.16 -1.59
CA ILE D 19 -5.56 -43.54 -0.29
C ILE D 19 -6.55 -44.39 0.49
N GLY D 20 -7.54 -44.96 -0.19
CA GLY D 20 -8.61 -45.66 0.49
C GLY D 20 -9.13 -46.85 -0.30
N TYR D 21 -10.17 -47.47 0.26
CA TYR D 21 -10.82 -48.63 -0.32
C TYR D 21 -12.17 -48.81 0.37
N ILE D 22 -13.18 -49.18 -0.41
CA ILE D 22 -14.53 -49.39 0.10
C ILE D 22 -14.88 -50.86 -0.05
N PHE D 23 -15.33 -51.47 1.05
CA PHE D 23 -15.72 -52.87 1.09
C PHE D 23 -17.23 -52.99 1.12
N GLN D 24 -17.76 -54.06 0.51
CA GLN D 24 -19.18 -54.32 0.48
C GLN D 24 -19.48 -55.62 1.21
N ASN D 25 -20.48 -55.57 2.12
CA ASN D 25 -20.81 -56.73 2.94
C ASN D 25 -21.70 -57.72 2.19
N ASP D 26 -22.67 -57.21 1.42
CA ASP D 26 -23.57 -58.01 0.58
C ASP D 26 -24.57 -58.82 1.40
N ILE D 27 -24.11 -59.53 2.43
CA ILE D 27 -25.03 -60.24 3.31
C ILE D 27 -25.97 -59.24 3.97
N VAL D 28 -25.42 -58.29 4.70
CA VAL D 28 -26.14 -57.12 5.17
C VAL D 28 -25.69 -55.94 4.31
N ALA D 29 -26.65 -55.07 3.97
CA ALA D 29 -26.38 -53.97 3.03
C ALA D 29 -25.58 -52.87 3.75
N LEU D 30 -24.30 -53.16 3.97
CA LEU D 30 -23.41 -52.26 4.69
C LEU D 30 -22.08 -52.13 3.97
N LYS D 31 -21.56 -50.90 3.94
CA LYS D 31 -20.27 -50.59 3.34
C LYS D 31 -19.34 -50.04 4.41
N GLN D 32 -18.14 -50.61 4.48
CA GLN D 32 -17.09 -50.12 5.38
C GLN D 32 -15.97 -49.53 4.54
N ALA D 33 -15.66 -48.26 4.79
CA ALA D 33 -14.65 -47.54 4.02
C ALA D 33 -13.35 -47.49 4.83
N PHE D 34 -12.23 -47.79 4.16
CA PHE D 34 -10.91 -47.75 4.76
C PHE D 34 -10.12 -46.61 4.16
N SER D 35 -9.19 -46.06 4.95
CA SER D 35 -8.34 -44.97 4.48
C SER D 35 -7.02 -45.01 5.22
N LEU D 36 -6.02 -44.36 4.65
CA LEU D 36 -4.75 -44.23 5.34
C LEU D 36 -4.90 -43.28 6.51
N PRO D 37 -4.21 -43.52 7.62
CA PRO D 37 -4.33 -42.62 8.78
C PRO D 37 -4.00 -41.18 8.43
N ASP D 38 -4.74 -40.26 9.04
CA ASP D 38 -4.54 -38.84 8.82
C ASP D 38 -3.24 -38.39 9.49
N ILE D 39 -2.24 -38.04 8.68
CA ILE D 39 -0.94 -37.62 9.18
C ILE D 39 -0.56 -36.30 8.52
N ASP D 40 -0.23 -35.31 9.33
CA ASP D 40 0.13 -33.98 8.86
C ASP D 40 1.54 -33.63 9.33
N TYR D 41 2.41 -33.28 8.39
CA TYR D 41 3.80 -32.94 8.70
C TYR D 41 4.08 -31.45 8.56
N ALA D 42 3.08 -30.61 8.81
CA ALA D 42 3.29 -29.18 8.81
C ALA D 42 4.05 -28.74 10.06
N ASP D 43 4.80 -27.66 9.94
CA ASP D 43 5.59 -27.15 11.06
C ASP D 43 4.67 -26.79 12.22
N ILE D 44 5.26 -26.73 13.43
CA ILE D 44 4.50 -26.45 14.64
C ILE D 44 3.91 -25.05 14.66
N SER D 45 4.38 -24.14 13.79
CA SER D 45 3.81 -22.81 13.66
C SER D 45 2.91 -22.66 12.45
N GLN D 46 3.31 -23.23 11.30
CA GLN D 46 2.50 -23.11 10.09
C GLN D 46 1.21 -23.91 10.16
N ARG D 47 1.10 -24.86 11.09
CA ARG D 47 -0.16 -25.53 11.36
C ARG D 47 -1.00 -24.78 12.39
N GLU D 48 -0.34 -24.13 13.36
CA GLU D 48 -1.04 -23.36 14.36
C GLU D 48 -1.74 -22.15 13.74
N GLN D 49 -1.04 -21.44 12.85
CA GLN D 49 -1.60 -20.23 12.26
C GLN D 49 -2.62 -20.54 11.17
N LEU D 50 -2.51 -21.72 10.53
CA LEU D 50 -3.53 -22.09 9.54
C LEU D 50 -4.86 -22.39 10.22
N ALA D 51 -4.83 -23.02 11.40
CA ALA D 51 -6.06 -23.26 12.14
C ALA D 51 -6.69 -21.95 12.60
N ALA D 52 -5.87 -21.01 13.06
CA ALA D 52 -6.39 -19.70 13.44
C ALA D 52 -6.95 -18.96 12.22
N ALA D 53 -6.30 -19.10 11.06
CA ALA D 53 -6.80 -18.45 9.85
C ALA D 53 -8.13 -19.04 9.41
N LEU D 54 -8.31 -20.35 9.60
CA LEU D 54 -9.59 -20.96 9.25
C LEU D 54 -10.68 -20.55 10.23
N LYS D 55 -10.35 -20.42 11.51
CA LYS D 55 -11.31 -19.94 12.50
C LYS D 55 -11.71 -18.49 12.26
N ARG D 56 -10.86 -17.72 11.59
CA ARG D 56 -11.06 -16.28 11.44
C ARG D 56 -11.96 -15.93 10.27
N TRP D 57 -11.85 -16.67 9.16
CA TRP D 57 -12.55 -16.34 7.93
C TRP D 57 -13.47 -17.49 7.54
N PRO D 58 -14.79 -17.26 7.49
CA PRO D 58 -15.69 -18.34 7.05
C PRO D 58 -15.45 -18.80 5.62
N LEU D 59 -14.96 -17.90 4.76
CA LEU D 59 -14.73 -18.27 3.37
C LEU D 59 -13.60 -19.28 3.25
N LEU D 60 -12.55 -19.14 4.08
CA LEU D 60 -11.47 -20.12 4.04
C LEU D 60 -11.93 -21.46 4.60
N ALA D 61 -12.69 -21.44 5.69
CA ALA D 61 -13.15 -22.68 6.30
C ALA D 61 -14.15 -23.44 5.43
N GLU D 62 -14.80 -22.74 4.49
CA GLU D 62 -15.79 -23.39 3.65
C GLU D 62 -15.15 -24.37 2.67
N PHE D 63 -13.89 -24.14 2.29
CA PHE D 63 -13.18 -25.02 1.37
C PHE D 63 -12.26 -25.99 2.10
N ALA D 64 -12.48 -26.21 3.39
CA ALA D 64 -11.67 -27.17 4.15
C ALA D 64 -12.40 -28.50 4.29
N PRO E 8 8.39 58.36 29.49
CA PRO E 8 8.64 56.96 29.11
C PRO E 8 9.70 56.30 30.00
N ARG E 9 9.59 54.98 30.17
CA ARG E 9 10.44 54.25 31.09
C ARG E 9 11.75 53.83 30.42
N SER E 10 12.57 53.06 31.15
CA SER E 10 13.90 52.72 30.68
C SER E 10 13.87 51.71 29.54
N ASP E 11 13.23 50.56 29.76
CA ASP E 11 13.17 49.50 28.77
C ASP E 11 11.96 49.62 27.85
N GLU E 12 11.43 50.83 27.66
CA GLU E 12 10.31 51.01 26.74
C GLU E 12 10.71 50.68 25.31
N LYS E 13 11.99 50.78 24.99
CA LYS E 13 12.48 50.50 23.64
C LYS E 13 13.04 49.09 23.48
N ARG E 14 13.01 48.28 24.54
CA ARG E 14 13.51 46.92 24.48
C ARG E 14 12.52 46.00 23.77
N ILE E 15 13.04 45.05 23.01
CA ILE E 15 12.22 44.06 22.30
C ILE E 15 12.75 42.68 22.66
N LEU E 16 12.02 41.96 23.51
CA LEU E 16 12.32 40.56 23.83
C LEU E 16 11.48 39.69 22.89
N SER E 17 12.14 39.03 21.95
CA SER E 17 11.43 38.30 20.91
C SER E 17 11.99 36.89 20.75
N ASN E 18 11.10 35.97 20.38
CA ASN E 18 11.53 34.65 19.97
C ASN E 18 12.26 34.75 18.65
N VAL E 19 13.27 33.87 18.47
CA VAL E 19 14.10 33.95 17.28
C VAL E 19 13.29 33.63 16.03
N ALA E 20 12.25 32.80 16.16
CA ALA E 20 11.44 32.44 15.01
C ALA E 20 10.69 33.64 14.44
N VAL E 21 10.51 34.70 15.23
CA VAL E 21 9.76 35.87 14.77
C VAL E 21 10.47 36.56 13.62
N LEU E 22 11.81 36.57 13.63
CA LEU E 22 12.57 37.30 12.62
C LEU E 22 12.73 36.52 11.32
N GLU E 23 12.32 35.26 11.28
CA GLU E 23 12.30 34.46 10.06
C GLU E 23 13.66 34.44 9.37
N GLY E 24 14.71 34.29 10.17
CA GLY E 24 16.05 34.17 9.64
C GLY E 24 16.83 35.46 9.50
N ALA E 25 16.17 36.62 9.61
CA ALA E 25 16.88 37.88 9.50
C ALA E 25 17.80 38.08 10.69
N PRO E 26 18.85 38.88 10.55
CA PRO E 26 19.69 39.21 11.70
C PRO E 26 18.93 40.08 12.68
N PRO E 27 19.40 40.17 13.93
CA PRO E 27 18.77 41.11 14.88
C PRO E 27 18.70 42.51 14.30
N LEU E 28 17.51 43.10 14.36
CA LEU E 28 17.25 44.32 13.62
C LEU E 28 17.87 45.55 14.26
N SER E 29 18.17 45.48 15.56
CA SER E 29 18.75 46.62 16.25
C SER E 29 19.38 46.14 17.55
N GLU E 30 20.09 47.04 18.21
CA GLU E 30 20.67 46.74 19.52
C GLU E 30 19.61 46.53 20.58
N HIS E 31 18.38 46.99 20.32
CA HIS E 31 17.27 46.79 21.24
C HIS E 31 16.74 45.37 21.20
N TRP E 32 16.75 44.73 20.04
CA TRP E 32 16.29 43.35 19.95
C TRP E 32 17.20 42.41 20.71
N GLN E 33 16.61 41.53 21.52
CA GLN E 33 17.31 40.40 22.12
C GLN E 33 16.48 39.15 21.87
N LEU E 34 17.09 38.15 21.25
CA LEU E 34 16.39 36.95 20.82
C LEU E 34 16.55 35.81 21.82
N PHE E 35 15.63 34.85 21.74
CA PHE E 35 15.63 33.69 22.63
C PHE E 35 15.30 32.45 21.82
N ASN E 36 15.65 31.29 22.38
CA ASN E 36 15.49 30.04 21.64
C ASN E 36 14.08 29.48 21.73
N ASN E 37 13.39 29.70 22.85
CA ASN E 37 12.02 29.25 23.01
C ASN E 37 11.27 30.26 23.87
N ASN E 38 9.97 30.01 24.06
CA ASN E 38 9.08 30.94 24.76
C ASN E 38 9.29 30.92 26.27
N GLU E 39 9.66 29.77 26.85
CA GLU E 39 9.80 29.69 28.30
C GLU E 39 11.00 30.50 28.78
N VAL E 40 12.17 30.32 28.15
CA VAL E 40 13.33 31.13 28.49
C VAL E 40 13.02 32.61 28.26
N LEU E 41 12.30 32.91 27.18
CA LEU E 41 11.89 34.28 26.91
C LEU E 41 10.98 34.81 28.01
N PHE E 42 10.01 34.02 28.45
CA PHE E 42 9.11 34.47 29.51
C PHE E 42 9.87 34.71 30.81
N ASN E 43 10.87 33.88 31.09
CA ASN E 43 11.67 34.07 32.29
C ASN E 43 12.35 35.44 32.28
N GLU E 44 12.91 35.84 31.13
CA GLU E 44 13.51 37.16 31.03
C GLU E 44 12.47 38.26 31.10
N ALA E 45 11.25 38.00 30.61
CA ALA E 45 10.22 39.03 30.56
C ALA E 45 9.60 39.32 31.91
N ARG E 46 9.88 38.50 32.94
CA ARG E 46 9.32 38.74 34.26
C ARG E 46 9.94 39.95 34.94
N THR E 47 11.08 40.43 34.45
CA THR E 47 11.77 41.58 35.02
C THR E 47 11.50 42.88 34.29
N ALA E 48 10.97 42.81 33.07
CA ALA E 48 10.77 44.01 32.27
C ALA E 48 9.63 44.85 32.82
N GLN E 49 9.68 46.15 32.51
CA GLN E 49 8.69 47.11 32.96
C GLN E 49 7.80 47.61 31.84
N ALA E 50 8.39 48.02 30.72
CA ALA E 50 7.64 48.49 29.56
C ALA E 50 8.17 47.90 28.26
N ALA E 51 8.90 46.78 28.33
CA ALA E 51 9.47 46.18 27.15
C ALA E 51 8.38 45.58 26.27
N THR E 52 8.75 45.30 25.02
CA THR E 52 7.90 44.62 24.07
C THR E 52 8.29 43.15 24.05
N VAL E 53 7.30 42.27 24.21
CA VAL E 53 7.52 40.83 24.32
C VAL E 53 6.78 40.16 23.18
N VAL E 54 7.51 39.43 22.34
CA VAL E 54 6.96 38.83 21.13
C VAL E 54 7.17 37.32 21.22
N PHE E 55 6.12 36.59 21.59
CA PHE E 55 6.17 35.14 21.58
C PHE E 55 6.00 34.62 20.15
N SER E 56 6.34 33.34 19.98
CA SER E 56 6.14 32.65 18.72
C SER E 56 5.27 31.43 18.98
N LEU E 57 4.21 31.28 18.18
CA LEU E 57 3.24 30.19 18.33
C LEU E 57 3.39 29.24 17.16
N GLN E 58 3.91 28.03 17.43
CA GLN E 58 4.21 27.06 16.39
C GLN E 58 3.38 25.78 16.45
N GLN E 59 2.72 25.49 17.58
CA GLN E 59 1.86 24.32 17.67
C GLN E 59 0.65 24.65 18.52
N ASN E 60 -0.50 24.09 18.15
CA ASN E 60 -1.72 24.27 18.93
C ASN E 60 -1.59 23.70 20.33
N ALA E 61 -0.61 22.82 20.56
CA ALA E 61 -0.37 22.32 21.90
C ALA E 61 0.19 23.42 22.81
N GLN E 62 0.83 24.43 22.23
CA GLN E 62 1.43 25.52 22.99
C GLN E 62 0.41 26.54 23.48
N ILE E 63 -0.86 26.43 23.08
CA ILE E 63 -1.83 27.48 23.37
C ILE E 63 -2.04 27.61 24.88
N GLU E 64 -2.29 26.49 25.56
CA GLU E 64 -2.53 26.55 27.01
C GLU E 64 -1.32 27.07 27.79
N PRO E 65 -0.11 26.53 27.63
CA PRO E 65 1.01 27.09 28.40
C PRO E 65 1.35 28.52 28.02
N LEU E 66 1.17 28.89 26.75
CA LEU E 66 1.39 30.28 26.35
C LEU E 66 0.41 31.21 27.05
N ALA E 67 -0.86 30.82 27.11
CA ALA E 67 -1.85 31.64 27.81
C ALA E 67 -1.52 31.80 29.28
N ARG E 68 -0.87 30.79 29.88
CA ARG E 68 -0.40 30.93 31.25
C ARG E 68 0.66 32.02 31.35
N SER E 69 1.69 31.93 30.51
CA SER E 69 2.78 32.90 30.56
C SER E 69 2.27 34.32 30.33
N ILE E 70 1.36 34.49 29.37
CA ILE E 70 0.82 35.82 29.10
C ILE E 70 0.00 36.32 30.27
N HIS E 71 -0.82 35.45 30.87
CA HIS E 71 -1.68 35.86 31.97
C HIS E 71 -0.85 36.29 33.18
N THR E 72 0.10 35.46 33.59
CA THR E 72 0.91 35.81 34.76
C THR E 72 1.81 37.01 34.46
N LEU E 73 2.19 37.21 33.21
CA LEU E 73 2.99 38.39 32.86
C LEU E 73 2.17 39.67 33.01
N ARG E 74 0.97 39.70 32.43
CA ARG E 74 0.16 40.92 32.46
C ARG E 74 -0.27 41.27 33.87
N ARG E 75 -0.70 40.28 34.66
CA ARG E 75 -1.13 40.53 36.03
C ARG E 75 0.02 41.07 36.87
N GLN E 76 1.19 40.41 36.81
CA GLN E 76 2.28 40.77 37.69
C GLN E 76 2.98 42.05 37.24
N ARG E 77 3.17 42.21 35.94
CA ARG E 77 4.09 43.23 35.44
C ARG E 77 3.42 44.53 34.99
N GLY E 78 2.11 44.54 34.79
CA GLY E 78 1.37 45.77 34.68
C GLY E 78 0.96 46.12 33.27
N SER E 79 0.62 47.40 33.08
CA SER E 79 0.01 47.90 31.87
C SER E 79 0.97 48.60 30.92
N ALA E 80 2.22 48.85 31.33
CA ALA E 80 3.20 49.46 30.44
C ALA E 80 3.77 48.45 29.46
N MET E 81 3.85 47.19 29.85
CA MET E 81 4.43 46.16 29.00
C MET E 81 3.52 45.88 27.79
N LYS E 82 4.16 45.60 26.66
CA LYS E 82 3.49 45.24 25.42
C LYS E 82 3.78 43.78 25.08
N ILE E 83 2.72 43.00 24.89
CA ILE E 83 2.85 41.55 24.68
C ILE E 83 2.16 41.19 23.37
N LEU E 84 2.92 40.62 22.44
CA LEU E 84 2.41 40.18 21.15
C LEU E 84 2.64 38.69 20.97
N VAL E 85 1.78 38.06 20.18
CA VAL E 85 1.92 36.66 19.81
C VAL E 85 1.98 36.59 18.29
N ARG E 86 3.10 36.11 17.76
CA ARG E 86 3.31 35.96 16.34
C ARG E 86 3.01 34.52 15.94
N GLU E 87 2.00 34.34 15.08
CA GLU E 87 1.66 33.03 14.56
C GLU E 87 2.67 32.63 13.48
N ASN E 88 3.35 31.51 13.70
CA ASN E 88 4.21 30.89 12.70
C ASN E 88 3.63 29.57 12.19
N THR E 89 2.34 29.35 12.40
CA THR E 89 1.67 28.13 11.96
C THR E 89 0.24 28.49 11.60
N ALA E 90 -0.21 28.04 10.43
CA ALA E 90 -1.60 28.25 10.05
C ALA E 90 -2.55 27.35 10.82
N SER E 91 -2.03 26.40 11.61
CA SER E 91 -2.87 25.44 12.33
C SER E 91 -3.32 26.06 13.64
N LEU E 92 -4.41 26.80 13.57
CA LEU E 92 -4.85 27.59 14.71
C LEU E 92 -6.28 28.03 14.50
N ARG E 93 -7.14 27.79 15.49
CA ARG E 93 -8.53 28.21 15.46
C ARG E 93 -8.67 29.67 15.85
N ALA E 94 -9.75 30.29 15.37
CA ALA E 94 -10.01 31.70 15.63
C ALA E 94 -10.35 31.99 17.09
N THR E 95 -10.88 31.01 17.83
CA THR E 95 -11.17 31.21 19.24
C THR E 95 -9.91 31.22 20.10
N ASP E 96 -8.81 30.65 19.60
CA ASP E 96 -7.55 30.68 20.36
C ASP E 96 -6.94 32.07 20.35
N GLU E 97 -7.21 32.87 19.31
CA GLU E 97 -6.78 34.26 19.32
C GLU E 97 -7.57 35.07 20.34
N ARG E 98 -8.86 34.75 20.51
CA ARG E 98 -9.66 35.41 21.54
C ARG E 98 -9.09 35.13 22.93
N LEU E 99 -8.66 33.89 23.17
CA LEU E 99 -8.13 33.52 24.48
C LEU E 99 -6.83 34.27 24.79
N LEU E 100 -5.92 34.31 23.82
CA LEU E 100 -4.63 34.96 24.06
C LEU E 100 -4.82 36.45 24.33
N LEU E 101 -5.67 37.12 23.55
CA LEU E 101 -5.92 38.54 23.79
C LEU E 101 -6.56 38.76 25.14
N ALA E 102 -7.45 37.85 25.55
CA ALA E 102 -8.10 37.94 26.85
C ALA E 102 -7.14 37.76 28.01
N CYS E 103 -6.03 37.05 27.81
CA CYS E 103 -5.04 36.84 28.87
C CYS E 103 -4.11 38.03 29.06
N GLY E 104 -4.11 39.00 28.15
CA GLY E 104 -3.29 40.19 28.33
C GLY E 104 -2.39 40.54 27.16
N ALA E 105 -2.52 39.84 26.05
CA ALA E 105 -1.75 40.17 24.85
C ALA E 105 -2.35 41.40 24.18
N ASN E 106 -1.48 42.34 23.81
CA ASN E 106 -1.95 43.53 23.10
C ASN E 106 -2.49 43.17 21.73
N MET E 107 -1.96 42.11 21.12
CA MET E 107 -2.16 41.89 19.69
C MET E 107 -1.64 40.52 19.32
N VAL E 108 -2.37 39.84 18.45
CA VAL E 108 -1.95 38.55 17.89
C VAL E 108 -1.67 38.76 16.41
N ILE E 109 -0.44 38.47 15.99
CA ILE E 109 0.01 38.70 14.63
C ILE E 109 -0.38 37.48 13.80
N PRO E 110 -1.26 37.60 12.82
CA PRO E 110 -1.74 36.42 12.10
C PRO E 110 -0.66 35.81 11.21
N TRP E 111 -0.82 34.51 10.96
CA TRP E 111 0.23 33.74 10.28
C TRP E 111 0.43 34.22 8.84
N ASN E 112 -0.60 34.78 8.22
CA ASN E 112 -0.53 35.19 6.82
C ASN E 112 0.07 36.57 6.62
N ALA E 113 0.40 37.26 7.70
CA ALA E 113 1.06 38.55 7.58
C ALA E 113 2.55 38.35 7.33
N PRO E 114 3.13 38.97 6.30
CA PRO E 114 4.56 38.83 6.05
C PRO E 114 5.39 39.49 7.15
N LEU E 115 6.71 39.26 7.07
CA LEU E 115 7.61 39.80 8.08
C LEU E 115 7.49 41.31 8.17
N SER E 116 7.37 41.99 7.03
CA SER E 116 7.22 43.43 7.05
C SER E 116 5.99 43.84 7.86
N ARG E 117 4.86 43.16 7.61
CA ARG E 117 3.64 43.46 8.36
C ARG E 117 3.81 43.14 9.84
N CYS E 118 4.51 42.05 10.15
CA CYS E 118 4.77 41.70 11.54
C CYS E 118 5.56 42.80 12.23
N LEU E 119 6.58 43.34 11.57
CA LEU E 119 7.39 44.39 12.20
C LEU E 119 6.59 45.68 12.35
N THR E 120 5.72 45.99 11.38
CA THR E 120 4.88 47.17 11.50
C THR E 120 3.95 47.05 12.71
N MET E 121 3.42 45.86 12.94
CA MET E 121 2.50 45.66 14.05
C MET E 121 3.22 45.68 15.39
N ILE E 122 4.48 45.23 15.43
CA ILE E 122 5.25 45.34 16.67
C ILE E 122 5.49 46.80 17.02
N GLU E 123 5.72 47.65 16.01
CA GLU E 123 5.96 49.06 16.29
C GLU E 123 4.67 49.79 16.63
N SER E 124 3.55 49.37 16.06
CA SER E 124 2.28 50.04 16.31
C SER E 124 1.87 49.95 17.78
N VAL E 125 2.25 48.86 18.45
CA VAL E 125 1.91 48.69 19.86
C VAL E 125 2.69 49.63 20.77
N GLN E 126 3.75 50.26 20.26
CA GLN E 126 4.55 51.15 21.10
C GLN E 126 3.71 52.35 21.56
N GLY E 127 3.83 52.67 22.85
CA GLY E 127 3.08 53.76 23.44
C GLY E 127 1.72 53.39 23.97
N GLN E 128 1.34 52.12 23.89
CA GLN E 128 0.03 51.66 24.36
C GLN E 128 0.10 51.33 25.84
N LYS E 129 -0.88 51.82 26.60
CA LYS E 129 -1.11 51.40 27.97
C LYS E 129 -2.26 50.41 27.99
N PHE E 130 -2.05 49.25 28.61
CA PHE E 130 -3.06 48.20 28.62
C PHE E 130 -4.20 48.58 29.56
N SER E 131 -5.41 48.67 29.00
CA SER E 131 -6.58 49.12 29.76
C SER E 131 -7.54 48.00 30.11
N ARG E 132 -7.63 46.96 29.28
CA ARG E 132 -8.62 45.89 29.49
C ARG E 132 -8.33 45.13 30.78
N TYR E 133 -9.40 44.56 31.34
CA TYR E 133 -9.35 43.86 32.62
C TYR E 133 -9.04 42.39 32.42
N VAL E 134 -8.09 41.88 33.20
CA VAL E 134 -7.67 40.48 33.15
C VAL E 134 -7.92 39.88 34.52
N PRO E 135 -8.65 38.77 34.62
CA PRO E 135 -8.93 38.18 35.94
C PRO E 135 -7.69 37.53 36.55
N GLU E 136 -7.73 37.38 37.87
CA GLU E 136 -6.60 36.80 38.58
C GLU E 136 -6.51 35.29 38.38
N ASP E 137 -7.66 34.62 38.27
CA ASP E 137 -7.69 33.19 38.06
C ASP E 137 -7.61 32.90 36.56
N ILE E 138 -6.72 31.97 36.19
CA ILE E 138 -6.62 31.57 34.80
C ILE E 138 -7.68 30.53 34.43
N THR E 139 -8.23 29.82 35.42
CA THR E 139 -9.31 28.88 35.13
C THR E 139 -10.51 29.56 34.50
N THR E 140 -10.76 30.83 34.85
CA THR E 140 -11.83 31.59 34.23
C THR E 140 -11.59 31.74 32.73
N LEU E 141 -10.37 32.10 32.34
CA LEU E 141 -10.09 32.34 30.93
C LEU E 141 -10.07 31.04 30.13
N LEU E 142 -9.55 29.96 30.72
CA LEU E 142 -9.50 28.70 30.00
C LEU E 142 -10.90 28.15 29.77
N SER E 143 -11.81 28.34 30.73
CA SER E 143 -13.19 27.94 30.55
C SER E 143 -13.91 28.79 29.51
N MET E 144 -13.37 29.96 29.19
CA MET E 144 -13.99 30.86 28.23
C MET E 144 -14.02 30.28 26.82
N THR E 145 -13.18 29.30 26.53
CA THR E 145 -13.07 28.72 25.20
C THR E 145 -13.52 27.26 25.16
N GLN E 146 -14.22 26.80 26.18
CA GLN E 146 -14.66 25.41 26.23
C GLN E 146 -16.03 25.30 25.57
N PRO E 147 -16.14 24.61 24.43
CA PRO E 147 -17.46 24.36 23.85
C PRO E 147 -18.23 23.35 24.68
N LEU E 148 -19.51 23.19 24.35
CA LEU E 148 -20.30 22.16 25.02
C LEU E 148 -19.72 20.79 24.68
N LYS E 149 -19.53 19.96 25.70
CA LYS E 149 -18.84 18.69 25.54
C LYS E 149 -19.81 17.62 25.02
N LEU E 150 -20.34 17.87 23.83
CA LEU E 150 -21.17 16.93 23.11
C LEU E 150 -20.76 16.93 21.65
N ARG E 151 -21.07 15.82 20.97
CA ARG E 151 -20.75 15.68 19.55
C ARG E 151 -21.70 14.65 18.95
N GLY E 152 -22.15 14.91 17.73
CA GLY E 152 -22.99 13.95 17.06
C GLY E 152 -24.47 14.23 17.26
N PHE E 153 -25.27 13.20 17.00
CA PHE E 153 -26.72 13.34 17.09
C PHE E 153 -27.15 13.41 18.55
N GLN E 154 -28.11 14.29 18.83
CA GLN E 154 -28.75 14.39 20.13
C GLN E 154 -30.25 14.37 19.95
N LYS E 155 -30.95 13.79 20.92
CA LYS E 155 -32.40 13.83 20.92
C LYS E 155 -32.87 15.27 21.08
N TRP E 156 -34.06 15.57 20.53
CA TRP E 156 -34.53 16.94 20.38
C TRP E 156 -34.43 17.74 21.68
N ASP E 157 -34.99 17.20 22.76
CA ASP E 157 -34.94 17.91 24.04
C ASP E 157 -33.52 18.03 24.57
N VAL E 158 -32.70 16.99 24.36
CA VAL E 158 -31.30 17.06 24.77
C VAL E 158 -30.56 18.12 23.97
N PHE E 159 -30.89 18.26 22.68
CA PHE E 159 -30.28 19.30 21.87
C PHE E 159 -30.63 20.68 22.40
N CYS E 160 -31.90 20.90 22.74
CA CYS E 160 -32.34 22.21 23.20
C CYS E 160 -31.72 22.58 24.55
N ASN E 161 -31.64 21.61 25.46
CA ASN E 161 -31.02 21.87 26.76
C ASN E 161 -29.56 22.24 26.61
N ALA E 162 -28.83 21.51 25.75
CA ALA E 162 -27.40 21.77 25.58
C ALA E 162 -27.16 23.17 25.06
N VAL E 163 -27.90 23.58 24.04
CA VAL E 163 -27.65 24.90 23.44
C VAL E 163 -28.12 26.00 24.37
N ASN E 164 -29.24 25.78 25.07
CA ASN E 164 -29.72 26.77 26.03
C ASN E 164 -28.72 26.97 27.16
N ASN E 165 -28.24 25.87 27.75
CA ASN E 165 -27.27 25.98 28.83
C ASN E 165 -25.97 26.61 28.37
N MET E 166 -25.65 26.50 27.08
CA MET E 166 -24.46 27.16 26.56
C MET E 166 -24.70 28.66 26.35
N MET E 167 -25.90 29.03 25.90
CA MET E 167 -26.22 30.43 25.74
C MET E 167 -26.31 31.13 27.09
N ASN E 168 -26.62 30.40 28.15
CA ASN E 168 -26.70 30.95 29.50
C ASN E 168 -25.44 30.67 30.31
N ASN E 169 -24.33 30.37 29.66
CA ASN E 169 -23.06 30.18 30.35
C ASN E 169 -22.40 31.54 30.56
N PRO E 170 -22.28 32.02 31.80
CA PRO E 170 -21.71 33.36 32.01
C PRO E 170 -20.23 33.43 31.71
N LEU E 171 -19.53 32.30 31.68
CA LEU E 171 -18.09 32.29 31.43
C LEU E 171 -17.75 32.50 29.96
N LEU E 172 -18.67 32.20 29.05
CA LEU E 172 -18.38 32.45 27.64
C LEU E 172 -18.55 33.92 27.32
N PRO E 173 -17.81 34.43 26.33
CA PRO E 173 -17.90 35.86 26.02
C PRO E 173 -19.26 36.25 25.44
N ALA E 174 -19.40 37.53 25.10
CA ALA E 174 -20.71 38.05 24.71
C ALA E 174 -21.19 37.46 23.39
N HIS E 175 -20.44 37.65 22.32
CA HIS E 175 -20.91 37.33 20.98
C HIS E 175 -20.10 36.18 20.38
N GLY E 176 -20.61 35.66 19.26
CA GLY E 176 -19.92 34.61 18.54
C GLY E 176 -19.93 33.26 19.23
N LYS E 177 -21.01 32.92 19.93
CA LYS E 177 -21.05 31.65 20.64
C LYS E 177 -21.26 30.46 19.70
N GLY E 178 -21.68 30.71 18.47
CA GLY E 178 -21.91 29.63 17.53
C GLY E 178 -23.02 30.00 16.56
N VAL E 179 -23.28 29.06 15.65
CA VAL E 179 -24.30 29.23 14.61
C VAL E 179 -25.31 28.10 14.74
N LEU E 180 -26.59 28.46 14.62
CA LEU E 180 -27.69 27.51 14.65
C LEU E 180 -28.28 27.45 13.25
N VAL E 181 -28.29 26.25 12.66
CA VAL E 181 -28.70 26.05 11.29
C VAL E 181 -29.87 25.08 11.26
N ALA E 182 -30.92 25.44 10.53
CA ALA E 182 -32.05 24.55 10.29
C ALA E 182 -32.15 24.30 8.79
N LEU E 183 -32.19 23.03 8.40
CA LEU E 183 -32.09 22.65 6.99
C LEU E 183 -33.28 21.77 6.61
N ARG E 184 -33.97 22.16 5.54
CA ARG E 184 -35.10 21.36 5.06
C ARG E 184 -34.62 20.49 3.91
N PRO E 185 -34.81 19.18 3.95
CA PRO E 185 -34.22 18.31 2.92
C PRO E 185 -34.95 18.37 1.59
N VAL E 186 -34.21 18.05 0.53
CA VAL E 186 -34.77 17.89 -0.81
C VAL E 186 -35.85 16.82 -0.78
N PRO E 187 -36.96 16.95 -1.55
CA PRO E 187 -38.03 15.93 -1.53
C PRO E 187 -37.57 14.50 -1.79
N GLY E 188 -36.46 14.36 -2.52
CA GLY E 188 -35.92 13.06 -2.86
C GLY E 188 -35.37 12.27 -1.70
N ILE E 189 -34.92 12.95 -0.64
CA ILE E 189 -34.25 12.31 0.50
C ILE E 189 -34.99 12.68 1.78
N ARG E 190 -35.11 11.70 2.68
CA ARG E 190 -35.79 11.92 3.95
C ARG E 190 -34.81 12.48 4.99
N VAL E 191 -35.38 12.97 6.09
CA VAL E 191 -34.57 13.61 7.13
C VAL E 191 -33.63 12.61 7.79
N GLU E 192 -34.13 11.42 8.09
CA GLU E 192 -33.28 10.39 8.68
C GLU E 192 -32.15 10.00 7.73
N GLN E 193 -32.44 9.96 6.44
CA GLN E 193 -31.42 9.62 5.45
C GLN E 193 -30.41 10.75 5.31
N ALA E 194 -30.89 12.00 5.21
CA ALA E 194 -29.98 13.14 5.16
C ALA E 194 -29.13 13.23 6.42
N LEU E 195 -29.62 12.70 7.53
CA LEU E 195 -28.85 12.68 8.78
C LEU E 195 -27.59 11.84 8.63
N THR E 196 -27.66 10.74 7.87
CA THR E 196 -26.50 9.87 7.72
C THR E 196 -25.33 10.58 7.05
N LEU E 197 -25.62 11.61 6.25
CA LEU E 197 -24.57 12.42 5.65
C LEU E 197 -23.92 13.38 6.63
N CYS E 198 -24.62 13.74 7.70
CA CYS E 198 -24.11 14.70 8.68
C CYS E 198 -23.11 14.00 9.59
N ARG E 199 -21.81 14.30 9.41
CA ARG E 199 -20.73 13.63 10.12
C ARG E 199 -19.76 14.67 10.67
N PRO E 200 -20.02 15.20 11.87
CA PRO E 200 -19.14 16.21 12.45
C PRO E 200 -17.97 15.62 13.22
N ASN E 201 -16.82 16.29 13.12
CA ASN E 201 -15.61 15.85 13.78
C ASN E 201 -15.36 16.53 15.12
N ARG E 202 -15.68 17.81 15.21
CA ARG E 202 -15.37 18.60 16.39
C ARG E 202 -16.32 18.28 17.54
N THR E 203 -15.76 18.20 18.74
CA THR E 203 -16.58 18.25 19.95
C THR E 203 -17.18 19.65 20.06
N GLY E 204 -18.49 19.70 20.30
CA GLY E 204 -19.22 20.94 20.31
C GLY E 204 -20.12 21.13 19.11
N ASP E 205 -20.03 20.24 18.11
CA ASP E 205 -20.91 20.28 16.95
C ASP E 205 -21.96 19.19 17.12
N ILE E 206 -23.20 19.60 17.35
CA ILE E 206 -24.29 18.66 17.59
C ILE E 206 -25.37 18.89 16.54
N MET E 207 -26.22 17.87 16.40
CA MET E 207 -27.29 17.92 15.42
C MET E 207 -28.50 17.19 15.99
N THR E 208 -29.67 17.49 15.42
CA THR E 208 -30.90 16.83 15.81
C THR E 208 -31.86 16.87 14.62
N ILE E 209 -32.84 15.97 14.63
CA ILE E 209 -33.89 15.96 13.62
C ILE E 209 -35.24 16.08 14.32
N GLY E 210 -36.14 16.82 13.70
CA GLY E 210 -37.45 17.04 14.27
C GLY E 210 -38.30 17.93 13.39
N GLY E 211 -39.54 17.52 13.13
CA GLY E 211 -40.42 18.31 12.28
C GLY E 211 -39.90 18.48 10.89
N ASN E 212 -39.32 17.42 10.30
CA ASN E 212 -38.80 17.44 8.94
C ASN E 212 -37.73 18.51 8.76
N ARG E 213 -36.84 18.64 9.74
CA ARG E 213 -35.74 19.58 9.68
C ARG E 213 -34.52 18.98 10.36
N LEU E 214 -33.36 19.13 9.72
CA LEU E 214 -32.08 18.81 10.36
C LEU E 214 -31.52 20.10 10.94
N VAL E 215 -31.30 20.11 12.25
CA VAL E 215 -30.88 21.30 12.97
C VAL E 215 -29.49 21.06 13.54
N LEU E 216 -28.54 21.91 13.20
CA LEU E 216 -27.19 21.83 13.71
C LEU E 216 -26.87 23.02 14.61
N PHE E 217 -26.03 22.79 15.59
CA PHE E 217 -25.37 23.87 16.33
C PHE E 217 -23.87 23.64 16.22
N LEU E 218 -23.16 24.66 15.75
CA LEU E 218 -21.71 24.61 15.58
C LEU E 218 -21.10 25.57 16.60
N SER E 219 -20.50 25.01 17.65
CA SER E 219 -19.96 25.84 18.72
C SER E 219 -18.87 26.76 18.20
N PHE E 220 -18.95 28.03 18.61
CA PHE E 220 -17.91 29.03 18.36
C PHE E 220 -17.66 29.27 16.88
N CYS E 221 -18.62 28.90 16.03
CA CYS E 221 -18.51 29.11 14.59
C CYS E 221 -18.97 30.52 14.24
N ARG E 222 -18.17 31.22 13.43
CA ARG E 222 -18.54 32.53 12.95
C ARG E 222 -19.43 32.40 11.72
N ILE E 223 -20.30 33.39 11.54
CA ILE E 223 -21.28 33.34 10.44
C ILE E 223 -20.58 33.28 9.08
N ASN E 224 -19.37 33.85 8.99
CA ASN E 224 -18.61 33.78 7.74
C ASN E 224 -18.12 32.36 7.48
N ASP E 225 -17.54 31.72 8.50
CA ASP E 225 -17.04 30.34 8.42
C ASP E 225 -18.15 29.30 8.33
N LEU E 226 -19.43 29.70 8.22
CA LEU E 226 -20.52 28.73 8.21
C LEU E 226 -20.41 27.76 7.05
N ASP E 227 -20.14 28.27 5.84
CA ASP E 227 -20.07 27.40 4.68
C ASP E 227 -18.84 26.50 4.72
N THR E 228 -17.71 27.04 5.20
CA THR E 228 -16.51 26.22 5.33
C THR E 228 -16.72 25.08 6.31
N ALA E 229 -17.37 25.37 7.45
CA ALA E 229 -17.63 24.33 8.44
C ALA E 229 -18.64 23.32 7.92
N LEU E 230 -19.67 23.79 7.22
CA LEU E 230 -20.65 22.86 6.65
C LEU E 230 -20.00 21.92 5.64
N ASN E 231 -19.04 22.44 4.86
CA ASN E 231 -18.35 21.60 3.90
C ASN E 231 -17.51 20.52 4.59
N HIS E 232 -17.05 20.77 5.81
CA HIS E 232 -16.35 19.77 6.59
C HIS E 232 -17.28 18.86 7.37
N ILE E 233 -18.58 19.17 7.44
CA ILE E 233 -19.53 18.28 8.09
C ILE E 233 -20.14 17.30 7.08
N PHE E 234 -20.53 17.79 5.91
CA PHE E 234 -21.19 16.98 4.89
C PHE E 234 -20.24 16.61 3.76
N PRO E 235 -20.27 15.36 3.30
CA PRO E 235 -19.46 14.99 2.14
C PRO E 235 -19.96 15.59 0.84
N LEU E 236 -21.25 15.83 0.71
CA LEU E 236 -21.84 16.44 -0.47
C LEU E 236 -22.18 17.89 -0.20
N PRO E 237 -22.29 18.72 -1.24
CA PRO E 237 -22.70 20.11 -1.02
C PRO E 237 -24.09 20.19 -0.40
N THR E 238 -24.23 21.09 0.58
CA THR E 238 -25.50 21.23 1.29
C THR E 238 -26.61 21.74 0.38
N GLY E 239 -26.27 22.36 -0.75
CA GLY E 239 -27.29 22.80 -1.68
C GLY E 239 -27.99 21.65 -2.38
N ASP E 240 -27.29 20.55 -2.60
CA ASP E 240 -27.90 19.37 -3.20
C ASP E 240 -28.68 18.54 -2.18
N ILE E 241 -28.39 18.69 -0.90
CA ILE E 241 -29.07 17.91 0.14
C ILE E 241 -30.30 18.64 0.65
N PHE E 242 -30.21 19.95 0.85
CA PHE E 242 -31.27 20.71 1.49
C PHE E 242 -31.70 21.86 0.61
N SER E 243 -33.02 22.00 0.43
CA SER E 243 -33.58 23.07 -0.39
C SER E 243 -33.50 24.42 0.34
N ASN E 244 -34.00 24.49 1.57
CA ASN E 244 -34.07 25.74 2.31
C ASN E 244 -33.12 25.69 3.51
N ARG E 245 -32.66 26.87 3.92
CA ARG E 245 -31.74 26.99 5.04
C ARG E 245 -32.15 28.15 5.93
N MET E 246 -32.10 27.93 7.24
CA MET E 246 -32.36 28.96 8.24
C MET E 246 -31.15 29.09 9.16
N VAL E 247 -30.74 30.33 9.44
CA VAL E 247 -29.51 30.58 10.18
C VAL E 247 -29.79 31.59 11.29
N TRP E 248 -29.24 31.32 12.47
CA TRP E 248 -29.23 32.27 13.58
C TRP E 248 -27.84 32.23 14.20
N PHE E 249 -27.16 33.38 14.23
CA PHE E 249 -25.79 33.43 14.73
C PHE E 249 -25.58 34.44 15.84
N GLU E 250 -26.61 35.17 16.26
CA GLU E 250 -26.52 36.07 17.39
C GLU E 250 -27.29 35.50 18.58
N ASP E 251 -26.92 35.98 19.77
CA ASP E 251 -27.40 35.38 21.01
C ASP E 251 -28.92 35.47 21.12
N ASP E 252 -29.47 36.65 20.85
CA ASP E 252 -30.92 36.81 20.93
C ASP E 252 -31.64 35.94 19.91
N GLN E 253 -31.09 35.86 18.69
CA GLN E 253 -31.71 35.07 17.64
C GLN E 253 -31.72 33.59 18.01
N ILE E 254 -30.58 33.06 18.46
CA ILE E 254 -30.49 31.65 18.82
C ILE E 254 -31.44 31.32 19.96
N SER E 255 -31.40 32.14 21.02
CA SER E 255 -32.26 31.89 22.17
C SER E 255 -33.73 32.03 21.82
N ALA E 256 -34.06 32.91 20.86
CA ALA E 256 -35.44 33.01 20.39
C ALA E 256 -35.86 31.77 19.63
N GLU E 257 -35.01 31.30 18.72
CA GLU E 257 -35.34 30.08 17.97
C GLU E 257 -35.46 28.88 18.89
N LEU E 258 -34.75 28.89 20.02
CA LEU E 258 -34.81 27.75 20.93
C LEU E 258 -36.14 27.69 21.66
N VAL E 259 -36.73 28.84 21.99
CA VAL E 259 -38.03 28.82 22.64
C VAL E 259 -39.12 28.39 21.67
N GLN E 260 -38.89 28.55 20.37
CA GLN E 260 -39.81 27.99 19.38
C GLN E 260 -39.58 26.50 19.20
N MET E 261 -38.31 26.07 19.22
CA MET E 261 -38.01 24.65 19.08
C MET E 261 -38.59 23.84 20.23
N ARG E 262 -38.62 24.43 21.43
CA ARG E 262 -39.13 23.72 22.59
C ARG E 262 -40.61 23.41 22.46
N LEU E 263 -41.33 24.16 21.63
CA LEU E 263 -42.75 23.93 21.41
C LEU E 263 -43.02 22.67 20.58
N LEU E 264 -42.00 22.07 19.99
CA LEU E 264 -42.21 20.94 19.10
C LEU E 264 -42.73 19.74 19.88
N ALA E 265 -43.81 19.15 19.40
CA ALA E 265 -44.39 17.99 20.07
C ALA E 265 -43.43 16.80 19.99
N PRO E 266 -43.42 15.94 21.02
CA PRO E 266 -42.52 14.77 20.99
C PRO E 266 -42.80 13.81 19.86
N GLU E 267 -44.02 13.75 19.34
CA GLU E 267 -44.33 12.83 18.25
C GLU E 267 -43.68 13.25 16.95
N GLN E 268 -43.35 14.53 16.80
CA GLN E 268 -42.65 15.03 15.62
C GLN E 268 -41.12 14.96 15.76
N TRP E 269 -40.62 14.49 16.90
CA TRP E 269 -39.18 14.27 17.04
C TRP E 269 -38.75 13.04 16.25
N GLY E 270 -37.62 13.16 15.55
CA GLY E 270 -37.05 12.06 14.83
C GLY E 270 -35.88 11.43 15.58
N MET E 271 -35.49 10.25 15.13
CA MET E 271 -34.33 9.54 15.64
C MET E 271 -33.66 8.80 14.48
N PRO E 272 -32.38 8.46 14.61
CA PRO E 272 -31.66 7.87 13.48
C PRO E 272 -32.21 6.50 13.10
N LEU E 273 -31.81 6.04 11.92
CA LEU E 273 -32.26 4.76 11.43
C LEU E 273 -31.62 3.64 12.24
N PRO E 274 -32.33 2.51 12.42
CA PRO E 274 -31.83 1.47 13.33
C PRO E 274 -30.46 0.92 12.96
N LEU E 275 -30.28 0.46 11.72
CA LEU E 275 -29.00 -0.12 11.32
C LEU E 275 -27.98 0.95 10.92
N TRP E 292 -21.62 -15.38 15.25
CA TRP E 292 -22.99 -15.34 14.73
C TRP E 292 -23.09 -14.45 13.50
N ARG E 293 -23.75 -14.96 12.45
CA ARG E 293 -23.93 -14.22 11.21
C ARG E 293 -25.35 -14.44 10.70
N ARG E 294 -25.81 -13.52 9.84
CA ARG E 294 -27.10 -13.67 9.19
C ARG E 294 -27.08 -14.84 8.22
N ILE E 295 -28.26 -15.39 7.98
CA ILE E 295 -28.46 -16.52 7.08
C ILE E 295 -29.53 -16.13 6.06
N PRO E 296 -29.29 -16.33 4.77
CA PRO E 296 -30.31 -15.97 3.76
C PRO E 296 -31.42 -17.01 3.71
N GLU E 297 -32.67 -16.54 3.69
CA GLU E 297 -33.82 -17.43 3.68
C GLU E 297 -34.37 -17.55 2.27
N PRO E 298 -34.69 -18.76 1.82
CA PRO E 298 -35.26 -18.91 0.47
C PRO E 298 -36.64 -18.27 0.37
N MET E 299 -36.93 -17.75 -0.82
CA MET E 299 -38.21 -17.09 -1.06
C MET E 299 -38.54 -17.17 -2.55
N ARG E 300 -39.73 -16.69 -2.89
CA ARG E 300 -40.19 -16.60 -4.25
C ARG E 300 -40.59 -15.17 -4.56
N LEU E 301 -40.18 -14.69 -5.73
CA LEU E 301 -40.43 -13.30 -6.09
C LEU E 301 -41.88 -13.13 -6.53
N LEU E 302 -42.30 -11.86 -6.57
CA LEU E 302 -43.70 -11.49 -6.83
C LEU E 302 -44.63 -12.07 -5.78
N PRO F 8 48.21 10.87 44.94
CA PRO F 8 47.21 10.59 43.91
C PRO F 8 46.63 9.17 44.01
N ARG F 9 45.50 9.03 44.69
CA ARG F 9 44.90 7.71 44.89
C ARG F 9 44.52 7.09 43.55
N SER F 10 44.76 5.79 43.41
CA SER F 10 44.54 5.11 42.15
C SER F 10 43.06 4.87 41.91
N ASP F 11 42.67 4.92 40.64
CA ASP F 11 41.30 4.61 40.22
C ASP F 11 41.18 3.20 39.67
N GLU F 12 41.95 2.26 40.21
CA GLU F 12 41.93 0.89 39.70
C GLU F 12 40.59 0.21 39.96
N LYS F 13 39.95 0.51 41.09
CA LYS F 13 38.69 -0.12 41.43
C LYS F 13 37.50 0.55 40.74
N ARG F 14 37.71 1.67 40.06
CA ARG F 14 36.61 2.37 39.40
C ARG F 14 36.08 1.54 38.23
N ILE F 15 34.76 1.58 38.04
CA ILE F 15 34.09 0.88 36.95
C ILE F 15 33.20 1.89 36.24
N LEU F 16 33.62 2.31 35.04
CA LEU F 16 32.83 3.20 34.20
C LEU F 16 32.13 2.34 33.15
N SER F 17 30.82 2.19 33.28
CA SER F 17 30.07 1.26 32.45
C SER F 17 28.88 1.96 31.82
N ASN F 18 28.53 1.49 30.62
CA ASN F 18 27.25 1.81 30.03
C ASN F 18 26.15 1.16 30.86
N VAL F 19 25.05 1.91 31.08
CA VAL F 19 23.99 1.42 31.96
C VAL F 19 23.40 0.12 31.43
N ALA F 20 23.38 -0.05 30.11
CA ALA F 20 22.83 -1.25 29.51
C ALA F 20 23.54 -2.53 29.96
N VAL F 21 24.78 -2.41 30.45
CA VAL F 21 25.55 -3.59 30.82
C VAL F 21 24.92 -4.32 32.00
N LEU F 22 24.26 -3.59 32.90
CA LEU F 22 23.71 -4.18 34.10
C LEU F 22 22.32 -4.77 33.91
N GLU F 23 21.71 -4.58 32.73
CA GLU F 23 20.44 -5.23 32.40
C GLU F 23 19.34 -4.85 33.40
N GLY F 24 19.34 -3.59 33.84
CA GLY F 24 18.34 -3.09 34.76
C GLY F 24 18.69 -3.23 36.23
N ALA F 25 19.71 -4.00 36.56
CA ALA F 25 20.13 -4.14 37.94
C ALA F 25 20.67 -2.82 38.48
N PRO F 26 20.60 -2.61 39.79
CA PRO F 26 21.12 -1.37 40.37
C PRO F 26 22.63 -1.34 40.31
N PRO F 27 23.26 -0.18 40.56
CA PRO F 27 24.71 -0.15 40.65
C PRO F 27 25.20 -1.08 41.75
N LEU F 28 26.10 -1.99 41.37
CA LEU F 28 26.44 -3.11 42.24
C LEU F 28 27.38 -2.73 43.37
N SER F 29 28.00 -1.56 43.30
CA SER F 29 28.94 -1.14 44.33
C SER F 29 29.15 0.36 44.20
N GLU F 30 29.84 0.91 45.20
CA GLU F 30 30.14 2.34 45.19
C GLU F 30 31.15 2.73 44.13
N HIS F 31 31.77 1.76 43.46
CA HIS F 31 32.72 2.04 42.39
C HIS F 31 32.06 2.16 41.02
N TRP F 32 30.81 1.74 40.88
CA TRP F 32 30.13 1.74 39.59
C TRP F 32 29.62 3.13 39.23
N GLN F 33 29.93 3.57 38.01
CA GLN F 33 29.42 4.81 37.45
C GLN F 33 28.78 4.50 36.11
N LEU F 34 27.47 4.72 36.00
CA LEU F 34 26.71 4.33 34.82
C LEU F 34 26.45 5.54 33.92
N PHE F 35 26.39 5.29 32.62
CA PHE F 35 26.24 6.36 31.64
C PHE F 35 25.19 5.98 30.61
N ASN F 36 24.51 7.00 30.07
CA ASN F 36 23.38 6.77 29.18
C ASN F 36 23.82 6.15 27.85
N ASN F 37 25.01 6.47 27.36
CA ASN F 37 25.45 5.98 26.07
C ASN F 37 26.98 5.95 26.03
N ASN F 38 27.51 5.34 24.97
CA ASN F 38 28.94 5.15 24.86
C ASN F 38 29.70 6.47 24.69
N GLU F 39 29.04 7.51 24.16
CA GLU F 39 29.73 8.79 23.97
C GLU F 39 30.07 9.45 25.30
N VAL F 40 29.07 9.56 26.19
CA VAL F 40 29.32 10.14 27.50
C VAL F 40 30.26 9.26 28.30
N LEU F 41 30.16 7.94 28.13
CA LEU F 41 31.12 7.02 28.76
C LEU F 41 32.54 7.30 28.27
N PHE F 42 32.70 7.48 26.96
CA PHE F 42 34.02 7.79 26.42
C PHE F 42 34.55 9.11 26.98
N ASN F 43 33.69 10.12 27.03
CA ASN F 43 34.13 11.45 27.48
C ASN F 43 34.57 11.43 28.95
N GLU F 44 33.98 10.55 29.76
CA GLU F 44 34.40 10.48 31.16
C GLU F 44 35.68 9.66 31.31
N ALA F 45 35.88 8.67 30.46
CA ALA F 45 37.02 7.77 30.59
C ALA F 45 38.33 8.41 30.16
N ARG F 46 38.28 9.57 29.49
CA ARG F 46 39.50 10.16 28.97
C ARG F 46 40.43 10.63 30.08
N THR F 47 39.90 10.90 31.28
CA THR F 47 40.72 11.34 32.40
C THR F 47 41.08 10.20 33.34
N ALA F 48 40.75 8.96 32.98
CA ALA F 48 41.02 7.81 33.83
C ALA F 48 42.41 7.24 33.55
N GLN F 49 42.83 6.33 34.43
CA GLN F 49 44.13 5.68 34.28
C GLN F 49 43.99 4.16 34.33
N ALA F 50 43.62 3.62 35.49
CA ALA F 50 43.54 2.18 35.71
C ALA F 50 42.11 1.68 35.88
N ALA F 51 41.13 2.48 35.49
CA ALA F 51 39.75 2.10 35.66
C ALA F 51 39.35 1.02 34.65
N THR F 52 38.23 0.37 34.92
CA THR F 52 37.62 -0.58 34.00
C THR F 52 36.51 0.15 33.24
N VAL F 53 36.60 0.15 31.92
CA VAL F 53 35.60 0.76 31.06
C VAL F 53 34.86 -0.33 30.30
N VAL F 54 33.54 -0.34 30.40
CA VAL F 54 32.70 -1.35 29.77
C VAL F 54 31.73 -0.64 28.84
N PHE F 55 31.93 -0.82 27.54
CA PHE F 55 31.02 -0.29 26.54
C PHE F 55 29.90 -1.29 26.26
N SER F 56 28.83 -0.79 25.65
CA SER F 56 27.70 -1.62 25.26
C SER F 56 27.56 -1.59 23.74
N LEU F 57 27.58 -2.76 23.12
CA LEU F 57 27.45 -2.90 21.67
C LEU F 57 26.08 -3.49 21.35
N GLN F 58 25.17 -2.64 20.91
CA GLN F 58 23.78 -3.01 20.70
C GLN F 58 23.36 -3.04 19.24
N GLN F 59 23.91 -2.16 18.40
CA GLN F 59 23.59 -2.14 16.98
C GLN F 59 24.90 -2.10 16.19
N ASN F 60 24.84 -2.55 14.94
CA ASN F 60 26.01 -2.56 14.09
C ASN F 60 26.48 -1.15 13.76
N ALA F 61 25.60 -0.15 13.87
CA ALA F 61 25.99 1.21 13.51
C ALA F 61 27.03 1.77 14.48
N GLN F 62 27.11 1.22 15.69
CA GLN F 62 28.03 1.70 16.70
C GLN F 62 29.46 1.17 16.53
N ILE F 63 29.68 0.24 15.60
CA ILE F 63 30.96 -0.48 15.55
C ILE F 63 32.10 0.48 15.23
N GLU F 64 31.96 1.26 14.15
CA GLU F 64 33.00 2.22 13.82
C GLU F 64 33.17 3.29 14.89
N PRO F 65 32.12 3.95 15.39
CA PRO F 65 32.35 4.91 16.49
C PRO F 65 32.96 4.27 17.72
N LEU F 66 32.58 3.04 18.05
CA LEU F 66 33.15 2.37 19.22
C LEU F 66 34.65 2.12 19.03
N ALA F 67 35.05 1.71 17.83
CA ALA F 67 36.47 1.45 17.56
C ALA F 67 37.28 2.73 17.73
N ARG F 68 36.74 3.86 17.29
CA ARG F 68 37.43 5.13 17.44
C ARG F 68 37.59 5.49 18.92
N SER F 69 36.56 5.26 19.72
CA SER F 69 36.64 5.59 21.14
C SER F 69 37.65 4.70 21.86
N ILE F 70 37.61 3.39 21.60
CA ILE F 70 38.57 2.48 22.23
C ILE F 70 39.98 2.85 21.82
N HIS F 71 40.19 3.08 20.53
CA HIS F 71 41.51 3.42 20.02
C HIS F 71 42.07 4.66 20.71
N THR F 72 41.25 5.71 20.81
CA THR F 72 41.69 6.93 21.48
C THR F 72 42.10 6.64 22.93
N LEU F 73 41.27 5.91 23.66
CA LEU F 73 41.57 5.63 25.07
C LEU F 73 42.83 4.79 25.22
N ARG F 74 42.99 3.76 24.37
CA ARG F 74 44.16 2.91 24.48
C ARG F 74 45.44 3.68 24.15
N ARG F 75 45.39 4.51 23.12
CA ARG F 75 46.56 5.29 22.73
C ARG F 75 46.88 6.36 23.76
N GLN F 76 45.88 7.14 24.17
CA GLN F 76 46.14 8.33 24.97
C GLN F 76 46.25 8.05 26.46
N ARG F 77 45.71 6.93 26.95
CA ARG F 77 45.64 6.68 28.38
C ARG F 77 46.48 5.49 28.84
N GLY F 78 47.11 4.78 27.93
CA GLY F 78 48.08 3.77 28.28
C GLY F 78 47.48 2.39 28.48
N SER F 79 48.31 1.51 29.03
CA SER F 79 48.00 0.09 29.16
C SER F 79 47.48 -0.29 30.54
N ALA F 80 47.34 0.67 31.46
CA ALA F 80 46.79 0.35 32.77
C ALA F 80 45.28 0.17 32.71
N MET F 81 44.63 0.86 31.79
CA MET F 81 43.17 0.82 31.69
C MET F 81 42.70 -0.51 31.10
N LYS F 82 41.55 -0.97 31.59
CA LYS F 82 40.92 -2.20 31.13
C LYS F 82 39.65 -1.84 30.39
N ILE F 83 39.57 -2.23 29.12
CA ILE F 83 38.47 -1.84 28.24
C ILE F 83 37.73 -3.10 27.80
N LEU F 84 36.43 -3.14 28.07
CA LEU F 84 35.59 -4.26 27.67
C LEU F 84 34.47 -3.76 26.76
N VAL F 85 33.97 -4.67 25.92
CA VAL F 85 32.80 -4.42 25.08
C VAL F 85 31.78 -5.49 25.42
N ARG F 86 30.60 -5.06 25.86
CA ARG F 86 29.52 -5.97 26.23
C ARG F 86 28.52 -6.01 25.08
N GLU F 87 28.42 -7.16 24.42
CA GLU F 87 27.46 -7.34 23.34
C GLU F 87 26.06 -7.54 23.91
N ASN F 88 25.11 -6.74 23.43
CA ASN F 88 23.70 -6.89 23.74
C ASN F 88 22.90 -7.24 22.49
N THR F 89 23.53 -7.94 21.54
CA THR F 89 22.89 -8.32 20.30
C THR F 89 23.65 -9.49 19.69
N ALA F 90 22.94 -10.27 18.89
CA ALA F 90 23.52 -11.45 18.25
C ALA F 90 23.85 -11.23 16.78
N SER F 91 23.19 -10.27 16.12
CA SER F 91 23.39 -10.03 14.69
C SER F 91 24.65 -9.17 14.50
N LEU F 92 25.80 -9.80 14.71
CA LEU F 92 27.09 -9.15 14.55
C LEU F 92 28.05 -10.09 13.84
N ARG F 93 28.88 -9.52 12.97
CA ARG F 93 29.87 -10.31 12.25
C ARG F 93 31.06 -10.61 13.16
N ALA F 94 31.55 -11.86 13.06
CA ALA F 94 32.66 -12.28 13.92
C ALA F 94 33.94 -11.49 13.64
N THR F 95 34.04 -10.85 12.48
CA THR F 95 35.18 -9.98 12.21
C THR F 95 35.12 -8.69 13.01
N ASP F 96 33.94 -8.34 13.53
CA ASP F 96 33.82 -7.11 14.32
C ASP F 96 34.44 -7.27 15.69
N GLU F 97 34.39 -8.48 16.26
N GLU F 97 34.39 -8.48 16.27
CA GLU F 97 35.04 -8.73 17.54
CA GLU F 97 35.03 -8.72 17.55
C GLU F 97 36.55 -8.57 17.42
C GLU F 97 36.55 -8.61 17.44
N ARG F 98 37.13 -9.06 16.32
CA ARG F 98 38.57 -8.92 16.14
C ARG F 98 38.96 -7.46 15.92
N LEU F 99 38.07 -6.65 15.34
CA LEU F 99 38.38 -5.24 15.13
C LEU F 99 38.44 -4.49 16.45
N LEU F 100 37.46 -4.73 17.33
CA LEU F 100 37.44 -4.08 18.64
C LEU F 100 38.59 -4.54 19.51
N LEU F 101 38.95 -5.83 19.45
CA LEU F 101 40.11 -6.31 20.19
C LEU F 101 41.41 -5.73 19.66
N ALA F 102 41.46 -5.43 18.36
CA ALA F 102 42.67 -4.85 17.80
C ALA F 102 42.82 -3.38 18.15
N CYS F 103 41.71 -2.67 18.37
CA CYS F 103 41.76 -1.26 18.69
C CYS F 103 42.15 -0.98 20.14
N GLY F 104 42.18 -1.99 20.99
CA GLY F 104 42.64 -1.79 22.35
C GLY F 104 41.81 -2.43 23.44
N ALA F 105 40.71 -3.08 23.08
CA ALA F 105 39.86 -3.71 24.07
C ALA F 105 40.51 -4.98 24.62
N ASN F 106 40.47 -5.14 25.94
CA ASN F 106 40.99 -6.36 26.54
C ASN F 106 40.13 -7.56 26.19
N MET F 107 38.81 -7.37 26.16
CA MET F 107 37.89 -8.51 26.12
C MET F 107 36.54 -8.06 25.58
N VAL F 108 35.95 -8.88 24.71
CA VAL F 108 34.60 -8.68 24.22
C VAL F 108 33.72 -9.76 24.84
N ILE F 109 32.65 -9.33 25.50
CA ILE F 109 31.75 -10.23 26.21
C ILE F 109 30.61 -10.61 25.27
N PRO F 110 30.41 -11.90 24.97
CA PRO F 110 29.39 -12.28 23.99
C PRO F 110 27.98 -12.06 24.51
N TRP F 111 27.05 -11.94 23.56
CA TRP F 111 25.66 -11.69 23.90
C TRP F 111 25.03 -12.85 24.67
N ASN F 112 25.48 -14.07 24.41
CA ASN F 112 24.89 -15.25 25.05
C ASN F 112 25.44 -15.51 26.44
N ALA F 113 26.26 -14.60 26.98
CA ALA F 113 26.74 -14.73 28.35
C ALA F 113 25.80 -13.98 29.28
N PRO F 114 25.22 -14.63 30.27
CA PRO F 114 24.31 -13.94 31.19
C PRO F 114 25.06 -12.94 32.07
N LEU F 115 24.28 -12.12 32.77
CA LEU F 115 24.87 -11.11 33.65
C LEU F 115 25.86 -11.73 34.62
N SER F 116 25.54 -12.92 35.13
CA SER F 116 26.45 -13.62 36.04
C SER F 116 27.83 -13.81 35.39
N ARG F 117 27.86 -14.41 34.21
CA ARG F 117 29.13 -14.61 33.51
C ARG F 117 29.78 -13.28 33.15
N CYS F 118 28.97 -12.29 32.78
CA CYS F 118 29.51 -10.97 32.44
C CYS F 118 30.28 -10.37 33.61
N LEU F 119 29.69 -10.42 34.81
CA LEU F 119 30.35 -9.85 35.98
C LEU F 119 31.63 -10.61 36.34
N THR F 120 31.62 -11.93 36.19
CA THR F 120 32.83 -12.70 36.43
C THR F 120 33.94 -12.30 35.47
N MET F 121 33.59 -12.05 34.20
CA MET F 121 34.61 -11.63 33.23
C MET F 121 35.13 -10.24 33.53
N ILE F 122 34.28 -9.35 34.05
CA ILE F 122 34.74 -8.02 34.44
C ILE F 122 35.77 -8.14 35.56
N GLU F 123 35.54 -9.06 36.50
CA GLU F 123 36.52 -9.31 37.55
C GLU F 123 37.75 -10.01 37.01
N SER F 124 37.61 -10.76 35.93
CA SER F 124 38.74 -11.56 35.45
C SER F 124 39.86 -10.69 34.89
N VAL F 125 39.56 -9.48 34.45
CA VAL F 125 40.55 -8.68 33.73
C VAL F 125 41.20 -7.69 34.68
N GLN F 126 40.99 -7.89 35.98
CA GLN F 126 41.53 -6.99 36.96
C GLN F 126 43.00 -7.27 37.17
N GLY F 127 43.79 -6.19 37.21
CA GLY F 127 45.23 -6.31 37.29
C GLY F 127 45.90 -6.61 35.96
N GLN F 128 45.14 -6.84 34.90
CA GLN F 128 45.71 -7.22 33.61
C GLN F 128 46.30 -6.00 32.91
N LYS F 129 47.55 -6.10 32.48
CA LYS F 129 48.22 -5.03 31.76
C LYS F 129 48.18 -5.32 30.27
N PHE F 130 47.80 -4.30 29.49
CA PHE F 130 47.69 -4.48 28.05
C PHE F 130 49.07 -4.63 27.43
N SER F 131 49.24 -5.67 26.60
CA SER F 131 50.53 -5.98 26.01
C SER F 131 50.55 -5.92 24.50
N ARG F 132 49.41 -6.11 23.84
CA ARG F 132 49.36 -6.12 22.38
C ARG F 132 49.64 -4.72 21.82
N TYR F 133 50.04 -4.70 20.54
CA TYR F 133 50.41 -3.46 19.87
C TYR F 133 49.21 -2.85 19.18
N VAL F 134 49.09 -1.52 19.28
CA VAL F 134 48.02 -0.78 18.62
C VAL F 134 48.61 0.37 17.83
N PRO F 135 48.31 0.49 16.54
CA PRO F 135 48.86 1.59 15.74
C PRO F 135 48.26 2.93 16.14
N GLU F 136 48.96 4.00 15.73
CA GLU F 136 48.49 5.35 16.02
C GLU F 136 47.37 5.78 15.08
N ASP F 137 47.37 5.28 13.86
CA ASP F 137 46.36 5.64 12.86
C ASP F 137 45.32 4.52 12.80
N ILE F 138 44.05 4.87 13.06
CA ILE F 138 43.00 3.86 13.05
C ILE F 138 42.62 3.42 11.64
N THR F 139 42.98 4.19 10.61
CA THR F 139 42.61 3.82 9.25
C THR F 139 43.25 2.50 8.81
N THR F 140 44.40 2.15 9.40
CA THR F 140 44.98 0.83 9.17
C THR F 140 44.03 -0.27 9.60
N LEU F 141 43.45 -0.12 10.79
CA LEU F 141 42.54 -1.11 11.37
C LEU F 141 41.17 -1.09 10.70
N LEU F 142 40.66 0.10 10.36
CA LEU F 142 39.33 0.20 9.78
C LEU F 142 39.30 -0.38 8.36
N SER F 143 40.37 -0.19 7.59
CA SER F 143 40.42 -0.71 6.23
C SER F 143 40.49 -2.23 6.18
N MET F 144 40.81 -2.89 7.29
CA MET F 144 40.82 -4.33 7.36
C MET F 144 39.44 -4.91 7.71
N THR F 145 38.44 -4.05 7.91
CA THR F 145 37.06 -4.53 7.97
C THR F 145 36.53 -4.85 6.58
N GLN F 146 36.88 -4.01 5.59
CA GLN F 146 36.57 -4.25 4.18
C GLN F 146 37.88 -4.38 3.43
N PRO F 147 38.44 -5.59 3.32
CA PRO F 147 39.71 -5.73 2.60
C PRO F 147 39.57 -5.62 1.09
N LEU F 148 38.47 -6.12 0.52
CA LEU F 148 38.34 -6.14 -0.94
C LEU F 148 37.89 -4.79 -1.49
N LYS F 149 36.87 -4.20 -0.88
CA LYS F 149 36.30 -2.94 -1.38
C LYS F 149 35.82 -3.11 -2.82
N LEU F 150 35.30 -4.30 -3.13
CA LEU F 150 34.74 -4.60 -4.43
C LEU F 150 33.48 -5.45 -4.27
N ARG F 151 32.55 -5.26 -5.20
CA ARG F 151 31.29 -5.99 -5.15
C ARG F 151 30.76 -6.13 -6.58
N GLY F 152 30.15 -7.27 -6.85
CA GLY F 152 29.54 -7.54 -8.13
C GLY F 152 30.45 -8.31 -9.07
N PHE F 153 30.17 -8.14 -10.36
CA PHE F 153 30.94 -8.83 -11.39
C PHE F 153 32.26 -8.13 -11.61
N GLN F 154 33.32 -8.91 -11.76
CA GLN F 154 34.64 -8.43 -12.09
C GLN F 154 35.19 -9.28 -13.23
N LYS F 155 36.03 -8.65 -14.06
CA LYS F 155 36.68 -9.38 -15.14
C LYS F 155 37.53 -10.52 -14.57
N TRP F 156 37.81 -11.50 -15.42
CA TRP F 156 38.56 -12.68 -14.96
C TRP F 156 39.94 -12.30 -14.46
N ASP F 157 40.61 -11.36 -15.13
CA ASP F 157 41.91 -10.90 -14.66
C ASP F 157 41.77 -10.03 -13.41
N VAL F 158 40.74 -9.17 -13.37
CA VAL F 158 40.53 -8.31 -12.21
C VAL F 158 40.09 -9.13 -11.00
N PHE F 159 39.23 -10.13 -11.23
CA PHE F 159 38.78 -11.01 -10.15
C PHE F 159 39.97 -11.71 -9.50
N CYS F 160 40.81 -12.35 -10.32
CA CYS F 160 41.94 -13.09 -9.77
C CYS F 160 42.94 -12.17 -9.08
N ASN F 161 43.21 -11.01 -9.68
CA ASN F 161 44.16 -10.07 -9.06
C ASN F 161 43.63 -9.57 -7.72
N ALA F 162 42.36 -9.15 -7.68
CA ALA F 162 41.82 -8.57 -6.46
C ALA F 162 41.71 -9.62 -5.36
N VAL F 163 41.28 -10.83 -5.69
CA VAL F 163 41.12 -11.86 -4.66
C VAL F 163 42.48 -12.38 -4.19
N ASN F 164 43.49 -12.35 -5.07
CA ASN F 164 44.82 -12.82 -4.68
C ASN F 164 45.54 -11.79 -3.82
N ASN F 165 45.27 -10.50 -4.03
CA ASN F 165 45.92 -9.46 -3.22
C ASN F 165 45.39 -9.48 -1.79
N MET F 166 44.07 -9.61 -1.62
CA MET F 166 43.52 -9.84 -0.30
C MET F 166 44.00 -11.18 0.26
N MET F 167 44.14 -12.19 -0.62
CA MET F 167 44.57 -13.51 -0.16
C MET F 167 45.98 -13.45 0.43
N ASN F 168 46.89 -12.72 -0.22
CA ASN F 168 48.26 -12.58 0.25
C ASN F 168 48.43 -11.44 1.24
N ASN F 169 47.39 -10.64 1.48
CA ASN F 169 47.52 -9.48 2.35
C ASN F 169 47.98 -9.91 3.74
N PRO F 170 49.07 -9.35 4.26
CA PRO F 170 49.65 -9.90 5.49
C PRO F 170 48.83 -9.61 6.74
N LEU F 171 48.08 -8.50 6.76
CA LEU F 171 47.44 -8.06 8.00
C LEU F 171 46.32 -9.00 8.43
N LEU F 172 45.74 -9.74 7.49
CA LEU F 172 44.67 -10.67 7.83
C LEU F 172 45.27 -12.01 8.22
N PRO F 173 44.71 -12.69 9.22
CA PRO F 173 45.22 -14.00 9.62
C PRO F 173 44.62 -15.11 8.77
N ALA F 174 45.28 -16.26 8.81
CA ALA F 174 44.76 -17.42 8.11
C ALA F 174 43.62 -18.04 8.92
N HIS F 175 42.92 -18.98 8.28
CA HIS F 175 41.74 -19.67 8.81
C HIS F 175 40.50 -18.79 8.81
N GLY F 176 39.47 -19.20 8.07
CA GLY F 176 38.28 -18.39 7.92
C GLY F 176 38.43 -17.23 6.96
N LYS F 177 39.45 -17.28 6.10
CA LYS F 177 39.74 -16.17 5.20
C LYS F 177 38.63 -15.93 4.18
N GLY F 178 37.85 -16.96 3.87
CA GLY F 178 36.79 -16.83 2.89
C GLY F 178 36.45 -18.19 2.31
N VAL F 179 35.66 -18.15 1.23
CA VAL F 179 35.26 -19.34 0.50
C VAL F 179 35.34 -19.05 -0.99
N LEU F 180 35.84 -20.03 -1.75
CA LEU F 180 35.89 -19.97 -3.20
C LEU F 180 35.04 -21.09 -3.76
N VAL F 181 34.03 -20.74 -4.57
CA VAL F 181 33.07 -21.68 -5.10
C VAL F 181 33.13 -21.64 -6.62
N ALA F 182 33.20 -22.82 -7.24
CA ALA F 182 33.15 -22.96 -8.69
C ALA F 182 31.90 -23.75 -9.06
N LEU F 183 30.98 -23.10 -9.77
CA LEU F 183 29.66 -23.65 -10.03
C LEU F 183 29.49 -23.93 -11.52
N ARG F 184 29.09 -25.16 -11.85
CA ARG F 184 28.90 -25.57 -13.24
C ARG F 184 27.43 -25.51 -13.58
N PRO F 185 27.02 -24.78 -14.61
CA PRO F 185 25.59 -24.59 -14.85
C PRO F 185 24.93 -25.82 -15.45
N VAL F 186 23.68 -26.03 -15.07
CA VAL F 186 22.83 -27.05 -15.69
C VAL F 186 22.78 -26.79 -17.19
N PRO F 187 22.79 -27.82 -18.05
CA PRO F 187 22.77 -27.56 -19.51
C PRO F 187 21.61 -26.70 -19.97
N GLY F 188 20.48 -26.70 -19.25
CA GLY F 188 19.33 -25.91 -19.65
C GLY F 188 19.57 -24.42 -19.63
N ILE F 189 20.58 -23.96 -18.90
CA ILE F 189 20.87 -22.53 -18.78
C ILE F 189 22.33 -22.29 -19.17
N ARG F 190 22.60 -21.10 -19.69
CA ARG F 190 23.95 -20.70 -20.04
C ARG F 190 24.59 -19.94 -18.88
N VAL F 191 25.90 -19.73 -18.98
CA VAL F 191 26.65 -19.13 -17.88
C VAL F 191 26.27 -17.68 -17.69
N GLU F 192 26.29 -16.89 -18.77
CA GLU F 192 25.93 -15.48 -18.68
C GLU F 192 24.49 -15.31 -18.21
N GLN F 193 23.61 -16.26 -18.53
CA GLN F 193 22.24 -16.21 -18.06
C GLN F 193 22.16 -16.45 -16.56
N ALA F 194 22.85 -17.48 -16.08
CA ALA F 194 22.87 -17.75 -14.64
C ALA F 194 23.60 -16.67 -13.85
N LEU F 195 24.45 -15.89 -14.52
CA LEU F 195 25.12 -14.79 -13.83
C LEU F 195 24.11 -13.75 -13.34
N THR F 196 23.04 -13.53 -14.11
CA THR F 196 22.00 -12.60 -13.69
C THR F 196 21.26 -13.08 -12.45
N LEU F 197 21.28 -14.39 -12.17
CA LEU F 197 20.66 -14.90 -10.95
C LEU F 197 21.51 -14.66 -9.72
N CYS F 198 22.83 -14.58 -9.87
CA CYS F 198 23.73 -14.41 -8.72
C CYS F 198 23.78 -12.93 -8.35
N ARG F 199 23.06 -12.55 -7.30
CA ARG F 199 22.94 -11.15 -6.90
C ARG F 199 23.52 -10.96 -5.50
N PRO F 200 24.79 -10.56 -5.38
CA PRO F 200 25.41 -10.45 -4.06
C PRO F 200 25.15 -9.11 -3.39
N ASN F 201 24.92 -9.17 -2.08
CA ASN F 201 24.57 -7.98 -1.33
C ASN F 201 25.78 -7.36 -0.64
N ARG F 202 26.64 -8.18 -0.04
CA ARG F 202 27.73 -7.68 0.78
C ARG F 202 28.85 -7.11 -0.08
N THR F 203 29.50 -6.06 0.41
CA THR F 203 30.45 -5.28 -0.38
C THR F 203 31.80 -5.97 -0.38
N GLY F 204 31.79 -7.26 -0.06
CA GLY F 204 33.02 -8.01 -0.03
C GLY F 204 33.02 -9.20 -0.97
N ASP F 205 31.89 -9.42 -1.66
CA ASP F 205 31.70 -10.63 -2.46
C ASP F 205 31.70 -10.28 -3.94
N ILE F 206 32.54 -10.98 -4.71
CA ILE F 206 32.70 -10.72 -6.13
C ILE F 206 32.48 -12.01 -6.90
N MET F 207 32.14 -11.86 -8.18
CA MET F 207 31.90 -12.98 -9.07
C MET F 207 32.59 -12.74 -10.40
N THR F 208 32.85 -13.84 -11.12
CA THR F 208 33.32 -13.77 -12.49
C THR F 208 32.90 -15.04 -13.21
N ILE F 209 32.90 -14.98 -14.53
CA ILE F 209 32.53 -16.12 -15.36
C ILE F 209 33.66 -16.40 -16.35
N GLY F 210 33.84 -17.69 -16.65
CA GLY F 210 34.88 -18.11 -17.56
C GLY F 210 35.04 -19.62 -17.61
N GLY F 211 35.36 -20.15 -18.78
CA GLY F 211 35.51 -21.59 -18.94
C GLY F 211 34.25 -22.36 -18.63
N ASN F 212 33.08 -21.78 -18.91
CA ASN F 212 31.78 -22.38 -18.59
C ASN F 212 31.69 -22.72 -17.10
N ARG F 213 32.21 -21.82 -16.28
CA ARG F 213 32.14 -21.94 -14.83
C ARG F 213 31.88 -20.56 -14.24
N LEU F 214 30.92 -20.49 -13.32
CA LEU F 214 30.67 -19.29 -12.52
C LEU F 214 31.37 -19.47 -11.18
N VAL F 215 32.45 -18.73 -10.97
CA VAL F 215 33.19 -18.77 -9.71
C VAL F 215 32.98 -17.45 -8.98
N LEU F 216 32.84 -17.53 -7.66
CA LEU F 216 32.63 -16.36 -6.83
C LEU F 216 33.39 -16.54 -5.52
N PHE F 217 33.80 -15.42 -4.93
CA PHE F 217 34.52 -15.42 -3.67
C PHE F 217 33.71 -14.69 -2.62
N LEU F 218 33.55 -15.30 -1.45
CA LEU F 218 32.82 -14.72 -0.32
C LEU F 218 33.82 -14.38 0.78
N SER F 219 33.92 -13.10 1.11
CA SER F 219 34.88 -12.66 2.12
C SER F 219 34.40 -13.07 3.51
N PHE F 220 35.32 -13.65 4.29
CA PHE F 220 35.09 -14.01 5.68
C PHE F 220 33.82 -14.87 5.82
N CYS F 221 33.86 -16.03 5.17
CA CYS F 221 32.75 -16.97 5.23
C CYS F 221 33.28 -18.30 5.77
N ARG F 222 32.69 -18.77 6.87
CA ARG F 222 33.00 -20.11 7.34
C ARG F 222 32.36 -21.14 6.41
N ILE F 223 33.07 -22.25 6.19
CA ILE F 223 32.60 -23.24 5.23
C ILE F 223 31.28 -23.86 5.70
N ASN F 224 31.05 -23.90 7.01
CA ASN F 224 29.79 -24.43 7.52
C ASN F 224 28.62 -23.46 7.34
N ASP F 225 28.89 -22.24 6.87
CA ASP F 225 27.85 -21.26 6.58
C ASP F 225 27.83 -20.89 5.11
N LEU F 226 28.37 -21.74 4.24
CA LEU F 226 28.40 -21.43 2.82
C LEU F 226 27.02 -21.53 2.19
N ASP F 227 26.30 -22.61 2.49
CA ASP F 227 24.99 -22.84 1.87
C ASP F 227 24.00 -21.74 2.26
N THR F 228 24.05 -21.30 3.52
CA THR F 228 23.16 -20.21 3.93
C THR F 228 23.55 -18.89 3.26
N ALA F 229 24.84 -18.71 2.97
CA ALA F 229 25.26 -17.52 2.22
C ALA F 229 24.79 -17.57 0.77
N LEU F 230 24.71 -18.76 0.19
CA LEU F 230 24.23 -18.89 -1.18
C LEU F 230 22.74 -18.60 -1.28
N ASN F 231 21.97 -18.99 -0.25
CA ASN F 231 20.56 -18.67 -0.23
C ASN F 231 20.32 -17.16 -0.21
N HIS F 232 21.28 -16.38 0.29
CA HIS F 232 21.18 -14.93 0.29
C HIS F 232 21.54 -14.31 -1.06
N ILE F 233 22.26 -15.05 -1.90
CA ILE F 233 22.73 -14.51 -3.17
C ILE F 233 21.95 -15.06 -4.37
N PHE F 234 21.35 -16.24 -4.25
CA PHE F 234 20.58 -16.83 -5.33
C PHE F 234 19.10 -16.86 -4.96
N PRO F 235 18.21 -16.39 -5.84
CA PRO F 235 16.77 -16.49 -5.54
C PRO F 235 16.26 -17.92 -5.59
N LEU F 236 16.74 -18.71 -6.54
CA LEU F 236 16.37 -20.11 -6.70
C LEU F 236 17.43 -21.01 -6.07
N PRO F 237 17.06 -22.23 -5.69
CA PRO F 237 18.05 -23.13 -5.08
C PRO F 237 19.23 -23.38 -6.01
N THR F 238 20.43 -23.42 -5.42
CA THR F 238 21.64 -23.59 -6.23
C THR F 238 21.70 -24.96 -6.90
N GLY F 239 21.09 -25.98 -6.28
CA GLY F 239 21.07 -27.29 -6.89
C GLY F 239 20.28 -27.32 -8.19
N ASP F 240 19.29 -26.43 -8.32
CA ASP F 240 18.50 -26.36 -9.55
C ASP F 240 19.21 -25.58 -10.64
N ILE F 241 20.07 -24.63 -10.27
CA ILE F 241 20.77 -23.83 -11.28
C ILE F 241 22.03 -24.53 -11.74
N PHE F 242 22.75 -25.16 -10.82
CA PHE F 242 24.05 -25.73 -11.11
C PHE F 242 24.06 -27.23 -10.85
N SER F 243 24.87 -27.95 -11.63
CA SER F 243 24.98 -29.39 -11.52
C SER F 243 26.15 -29.82 -10.64
N ASN F 244 27.25 -29.08 -10.68
CA ASN F 244 28.46 -29.44 -9.95
C ASN F 244 28.92 -28.24 -9.12
N ARG F 245 29.53 -28.54 -7.97
CA ARG F 245 30.04 -27.52 -7.08
C ARG F 245 31.39 -27.95 -6.53
N MET F 246 32.38 -27.08 -6.67
CA MET F 246 33.71 -27.31 -6.11
C MET F 246 34.06 -26.14 -5.21
N VAL F 247 34.45 -26.45 -3.97
CA VAL F 247 34.66 -25.44 -2.94
C VAL F 247 36.12 -25.47 -2.49
N TRP F 248 36.61 -24.29 -2.11
CA TRP F 248 37.96 -24.14 -1.55
C TRP F 248 37.90 -23.11 -0.44
N PHE F 249 38.19 -23.52 0.79
CA PHE F 249 38.08 -22.65 1.94
C PHE F 249 39.39 -22.35 2.64
N GLU F 250 40.35 -23.26 2.63
CA GLU F 250 41.64 -23.01 3.27
C GLU F 250 42.57 -22.29 2.31
N ASP F 251 43.48 -21.49 2.90
CA ASP F 251 44.29 -20.57 2.10
C ASP F 251 45.16 -21.30 1.08
N ASP F 252 45.76 -22.43 1.46
CA ASP F 252 46.65 -23.13 0.54
C ASP F 252 45.89 -23.65 -0.67
N GLN F 253 44.67 -24.16 -0.46
CA GLN F 253 43.87 -24.64 -1.58
C GLN F 253 43.32 -23.49 -2.41
N ILE F 254 43.02 -22.35 -1.78
CA ILE F 254 42.48 -21.22 -2.52
C ILE F 254 43.55 -20.59 -3.40
N SER F 255 44.75 -20.38 -2.85
CA SER F 255 45.82 -19.78 -3.64
C SER F 255 46.27 -20.71 -4.76
N ALA F 256 46.24 -22.03 -4.53
CA ALA F 256 46.59 -22.97 -5.58
C ALA F 256 45.53 -22.98 -6.68
N GLU F 257 44.26 -22.84 -6.30
CA GLU F 257 43.19 -22.77 -7.29
C GLU F 257 43.28 -21.47 -8.10
N LEU F 258 43.73 -20.39 -7.48
CA LEU F 258 43.91 -19.13 -8.21
C LEU F 258 45.05 -19.24 -9.23
N VAL F 259 46.10 -20.00 -8.91
CA VAL F 259 47.18 -20.20 -9.87
C VAL F 259 46.70 -20.99 -11.07
N GLN F 260 45.86 -22.01 -10.84
CA GLN F 260 45.28 -22.75 -11.96
C GLN F 260 44.31 -21.89 -12.75
N MET F 261 43.57 -21.01 -12.08
CA MET F 261 42.64 -20.13 -12.79
C MET F 261 43.37 -19.12 -13.67
N ARG F 262 44.62 -18.78 -13.32
CA ARG F 262 45.40 -17.89 -14.15
C ARG F 262 45.74 -18.50 -15.51
N LEU F 263 45.70 -19.83 -15.62
CA LEU F 263 46.07 -20.51 -16.86
C LEU F 263 44.84 -20.73 -17.73
N LEU F 264 44.19 -19.63 -18.10
CA LEU F 264 43.06 -19.65 -19.00
C LEU F 264 43.16 -18.44 -19.93
N ALA F 265 43.18 -18.70 -21.23
CA ALA F 265 43.37 -17.64 -22.22
C ALA F 265 42.22 -16.64 -22.16
N PRO F 266 42.49 -15.36 -22.46
CA PRO F 266 41.42 -14.35 -22.39
C PRO F 266 40.25 -14.62 -23.32
N GLU F 267 40.44 -15.41 -24.38
CA GLU F 267 39.34 -15.75 -25.26
C GLU F 267 38.34 -16.68 -24.59
N GLN F 268 38.73 -17.36 -23.52
CA GLN F 268 37.84 -18.21 -22.76
C GLN F 268 37.15 -17.47 -21.61
N TRP F 269 37.54 -16.23 -21.35
CA TRP F 269 36.91 -15.45 -20.30
C TRP F 269 35.50 -15.04 -20.70
N GLY F 270 34.72 -14.59 -19.72
CA GLY F 270 33.35 -14.21 -19.96
C GLY F 270 33.02 -12.79 -19.56
N MET F 271 31.94 -12.26 -20.11
CA MET F 271 31.43 -10.94 -19.79
C MET F 271 29.92 -11.01 -19.69
N PRO F 272 29.29 -10.09 -18.94
CA PRO F 272 27.84 -10.14 -18.79
C PRO F 272 27.13 -9.80 -20.09
N LEU F 273 25.81 -9.93 -20.06
CA LEU F 273 24.99 -9.63 -21.23
C LEU F 273 24.94 -8.12 -21.46
N PRO F 274 24.88 -7.69 -22.73
CA PRO F 274 25.01 -6.25 -23.03
C PRO F 274 23.98 -5.36 -22.37
N LEU F 275 22.99 -5.91 -21.70
CA LEU F 275 22.01 -5.13 -20.94
C LEU F 275 22.20 -5.35 -19.44
N THR F 276 23.45 -5.51 -19.02
CA THR F 276 23.82 -5.79 -17.62
C THR F 276 23.03 -6.95 -17.04
N ARG F 293 14.27 7.26 -25.39
CA ARG F 293 13.25 6.20 -25.39
C ARG F 293 13.24 5.45 -26.73
N ARG F 294 13.03 4.14 -26.68
CA ARG F 294 12.98 3.34 -27.90
C ARG F 294 11.72 3.63 -28.71
N ILE F 295 11.78 3.28 -29.99
CA ILE F 295 10.65 3.43 -30.91
C ILE F 295 10.55 2.17 -31.75
N PRO F 296 9.48 1.39 -31.61
CA PRO F 296 9.37 0.17 -32.41
C PRO F 296 9.17 0.49 -33.89
N GLU F 297 9.69 -0.39 -34.73
CA GLU F 297 9.59 -0.19 -36.17
C GLU F 297 8.84 -1.35 -36.80
N PRO F 298 8.03 -1.08 -37.83
CA PRO F 298 7.28 -2.16 -38.48
C PRO F 298 8.20 -3.14 -39.18
N MET F 299 7.70 -4.36 -39.33
CA MET F 299 8.45 -5.43 -39.96
C MET F 299 7.46 -6.52 -40.37
N ARG F 300 7.89 -7.35 -41.33
CA ARG F 300 7.11 -8.51 -41.73
C ARG F 300 7.69 -9.75 -41.07
N LEU F 301 6.84 -10.49 -40.36
CA LEU F 301 7.26 -11.69 -39.67
C LEU F 301 7.30 -12.87 -40.65
N LEU F 302 8.16 -13.84 -40.33
CA LEU F 302 8.16 -15.14 -41.01
C LEU F 302 8.46 -14.99 -42.50
N ASP F 303 9.57 -14.32 -42.80
CA ASP F 303 10.00 -14.16 -44.20
C ASP F 303 11.46 -14.55 -44.39
#